data_1KW2
#
_entry.id   1KW2
#
_cell.length_a   133.925
_cell.length_b   133.925
_cell.length_c   73.580
_cell.angle_alpha   90.00
_cell.angle_beta   90.00
_cell.angle_gamma   90.00
#
_symmetry.space_group_name_H-M   'P 43'
#
loop_
_entity.id
_entity.type
_entity.pdbx_description
1 polymer 'Vitamin D-binding protein'
2 water water
#
_entity_poly.entity_id   1
_entity_poly.type   'polypeptide(L)'
_entity_poly.pdbx_seq_one_letter_code
;LERGRDYEKNKVCKEFSHLGKEDFTSLSLVLYSRKFPSGTFEQVSQLVKEVVSLTEACCAEGADPDCYDTRTSALSAKSC
ESNSPFPVHPGTAECCTKEGLERKLCMAALKHQPQEFPTYVEPTNDEICEAFRKDPKEYANQFMWEYSTNYGQAPLSLLV
SYTKSYLSMVGSCCTSASPTVCFLKERLQLKHLSLLTTLSNRVCSQYAAYGEKKSRLSNLIKLAQKVPTADLEDVLPLAE
DITNILSKCCESASEDCMAKELPEHTVKLCDNLSTKNSKFEDCCQEKTAMDVFVCTYFMPAAQLPELPDVELPTNKDVCD
PGNTKVMDKYTFELSRRTHLPEVFLSKVLEPTLKSLGECCDVEDSTTCFNAKGPLLKKELSSFIDKGQELCADYSENTFT
EYKKKLAERLKAKLPDATPKELAKLVNKRSDFASNCCSINSPPLYCDSEIDAELKNIL
;
_entity_poly.pdbx_strand_id   A,B
#
# COMPACT_ATOMS: atom_id res chain seq x y z
N GLY A 4 -11.52 -35.77 7.90
CA GLY A 4 -11.59 -34.68 6.88
C GLY A 4 -10.57 -34.86 5.77
N ARG A 5 -10.16 -33.74 5.17
CA ARG A 5 -9.17 -33.79 4.09
C ARG A 5 -7.85 -34.33 4.60
N ASP A 6 -7.49 -35.52 4.12
CA ASP A 6 -6.25 -36.15 4.52
C ASP A 6 -5.17 -35.77 3.50
N TYR A 7 -5.30 -34.57 2.96
CA TYR A 7 -4.35 -34.07 1.96
C TYR A 7 -2.90 -34.32 2.39
N GLU A 8 -2.51 -33.75 3.51
CA GLU A 8 -1.14 -33.89 4.01
C GLU A 8 -0.78 -35.35 4.32
N LYS A 9 -1.71 -36.06 4.95
CA LYS A 9 -1.49 -37.46 5.29
C LYS A 9 -1.09 -38.26 4.06
N ASN A 10 -1.80 -38.02 2.95
CA ASN A 10 -1.53 -38.72 1.71
C ASN A 10 -0.21 -38.24 1.09
N LYS A 11 -0.02 -36.93 1.00
CA LYS A 11 1.20 -36.38 0.42
C LYS A 11 2.45 -36.98 1.08
N VAL A 12 2.40 -37.14 2.39
CA VAL A 12 3.53 -37.71 3.13
C VAL A 12 3.67 -39.20 2.83
N CYS A 13 2.60 -39.95 3.03
CA CYS A 13 2.64 -41.38 2.80
C CYS A 13 3.11 -41.70 1.38
N LYS A 14 2.67 -40.91 0.40
CA LYS A 14 3.07 -41.16 -0.97
C LYS A 14 4.57 -40.89 -1.12
N GLU A 15 5.06 -39.83 -0.47
CA GLU A 15 6.47 -39.52 -0.54
C GLU A 15 7.24 -40.64 0.15
N PHE A 16 6.79 -41.01 1.35
CA PHE A 16 7.45 -42.05 2.11
C PHE A 16 7.61 -43.30 1.25
N SER A 17 6.50 -43.74 0.66
CA SER A 17 6.49 -44.92 -0.19
C SER A 17 7.31 -44.73 -1.47
N HIS A 18 7.14 -43.59 -2.12
CA HIS A 18 7.85 -43.28 -3.35
C HIS A 18 9.36 -43.14 -3.22
N LEU A 19 9.80 -42.39 -2.21
CA LEU A 19 11.23 -42.17 -2.00
C LEU A 19 11.91 -43.25 -1.18
N GLY A 20 11.17 -43.82 -0.24
CA GLY A 20 11.74 -44.85 0.61
C GLY A 20 12.09 -44.18 1.92
N LYS A 21 12.10 -44.94 3.01
CA LYS A 21 12.39 -44.38 4.32
C LYS A 21 13.70 -43.59 4.40
N GLU A 22 14.77 -44.13 3.83
CA GLU A 22 16.06 -43.46 3.86
C GLU A 22 16.02 -42.11 3.14
N ASP A 23 15.62 -42.12 1.87
CA ASP A 23 15.55 -40.89 1.09
C ASP A 23 14.53 -39.91 1.66
N PHE A 24 13.51 -40.45 2.33
CA PHE A 24 12.48 -39.60 2.92
C PHE A 24 13.08 -38.90 4.13
N THR A 25 13.92 -39.61 4.86
CA THR A 25 14.58 -39.08 6.05
C THR A 25 15.49 -37.93 5.63
N SER A 26 16.27 -38.16 4.57
CA SER A 26 17.17 -37.15 4.05
C SER A 26 16.43 -35.91 3.57
N LEU A 27 15.32 -36.13 2.88
CA LEU A 27 14.52 -35.03 2.38
C LEU A 27 14.02 -34.21 3.57
N SER A 28 13.53 -34.93 4.58
CA SER A 28 13.01 -34.28 5.78
C SER A 28 14.09 -33.48 6.52
N LEU A 29 15.32 -33.99 6.51
CA LEU A 29 16.41 -33.31 7.19
C LEU A 29 16.68 -31.96 6.53
N VAL A 30 16.71 -31.96 5.20
CA VAL A 30 16.96 -30.72 4.47
C VAL A 30 15.79 -29.77 4.69
N LEU A 31 14.57 -30.27 4.50
CA LEU A 31 13.38 -29.47 4.68
C LEU A 31 13.30 -28.78 6.03
N TYR A 32 13.46 -29.52 7.11
CA TYR A 32 13.37 -28.91 8.44
C TYR A 32 14.58 -28.06 8.77
N SER A 33 15.73 -28.35 8.14
CA SER A 33 16.90 -27.55 8.42
C SER A 33 16.72 -26.15 7.84
N ARG A 34 16.09 -26.03 6.68
CA ARG A 34 15.91 -24.69 6.13
C ARG A 34 14.77 -23.97 6.85
N LYS A 35 13.85 -24.75 7.43
CA LYS A 35 12.72 -24.18 8.15
C LYS A 35 13.16 -23.60 9.51
N PHE A 36 14.17 -24.22 10.12
CA PHE A 36 14.70 -23.76 11.41
C PHE A 36 16.18 -23.41 11.31
N PRO A 37 16.50 -22.20 10.79
CA PRO A 37 17.89 -21.74 10.64
C PRO A 37 18.73 -21.77 11.91
N SER A 38 18.09 -21.54 13.05
CA SER A 38 18.79 -21.54 14.33
C SER A 38 18.68 -22.86 15.09
N GLY A 39 18.07 -23.87 14.47
CA GLY A 39 17.93 -25.16 15.13
C GLY A 39 19.24 -25.92 15.19
N THR A 40 19.58 -26.43 16.37
CA THR A 40 20.83 -27.18 16.52
C THR A 40 20.70 -28.50 15.74
N PHE A 41 21.84 -29.08 15.42
CA PHE A 41 21.88 -30.35 14.69
C PHE A 41 21.10 -31.40 15.47
N GLU A 42 21.25 -31.39 16.79
CA GLU A 42 20.56 -32.31 17.67
C GLU A 42 19.04 -32.15 17.62
N GLN A 43 18.56 -30.92 17.76
CA GLN A 43 17.12 -30.65 17.73
C GLN A 43 16.48 -31.03 16.39
N VAL A 44 17.09 -30.60 15.30
CA VAL A 44 16.54 -30.90 13.99
C VAL A 44 16.53 -32.40 13.71
N SER A 45 17.60 -33.08 14.11
CA SER A 45 17.69 -34.53 13.91
C SER A 45 16.58 -35.22 14.69
N GLN A 46 16.33 -34.75 15.91
CA GLN A 46 15.29 -35.35 16.75
C GLN A 46 13.92 -35.14 16.12
N LEU A 47 13.65 -33.92 15.69
CA LEU A 47 12.37 -33.61 15.04
C LEU A 47 12.20 -34.50 13.82
N VAL A 48 13.26 -34.67 13.04
CA VAL A 48 13.18 -35.49 11.85
C VAL A 48 12.87 -36.93 12.23
N LYS A 49 13.53 -37.42 13.28
CA LYS A 49 13.32 -38.78 13.73
C LYS A 49 11.85 -39.03 14.07
N GLU A 50 11.27 -38.15 14.88
CA GLU A 50 9.88 -38.29 15.28
C GLU A 50 8.91 -38.09 14.12
N VAL A 51 9.27 -37.22 13.17
CA VAL A 51 8.42 -36.99 12.01
C VAL A 51 8.39 -38.26 11.16
N VAL A 52 9.57 -38.83 10.91
CA VAL A 52 9.65 -40.05 10.10
C VAL A 52 9.00 -41.21 10.88
N SER A 53 9.25 -41.27 12.17
CA SER A 53 8.70 -42.33 12.99
C SER A 53 7.16 -42.33 12.97
N LEU A 54 6.57 -41.15 12.89
CA LEU A 54 5.11 -41.08 12.86
C LEU A 54 4.59 -41.32 11.45
N THR A 55 5.40 -40.98 10.45
CA THR A 55 4.99 -41.20 9.06
C THR A 55 4.93 -42.70 8.78
N GLU A 56 5.97 -43.41 9.19
CA GLU A 56 6.04 -44.86 8.98
C GLU A 56 4.86 -45.56 9.65
N ALA A 57 4.59 -45.18 10.90
CA ALA A 57 3.49 -45.78 11.65
C ALA A 57 2.12 -45.42 11.08
N CYS A 58 1.86 -44.12 10.96
CA CYS A 58 0.59 -43.65 10.45
C CYS A 58 0.25 -44.03 9.02
N CYS A 59 1.26 -44.40 8.23
CA CYS A 59 1.03 -44.79 6.85
C CYS A 59 0.92 -46.30 6.70
N ALA A 60 1.26 -47.02 7.76
CA ALA A 60 1.22 -48.48 7.77
C ALA A 60 -0.19 -49.03 7.83
N GLU A 61 -0.44 -50.07 7.04
CA GLU A 61 -1.74 -50.73 6.98
C GLU A 61 -2.19 -51.15 8.37
N GLY A 62 -3.42 -50.79 8.72
CA GLY A 62 -3.95 -51.14 10.03
C GLY A 62 -3.38 -50.26 11.14
N ALA A 63 -3.44 -48.95 10.96
CA ALA A 63 -2.92 -48.00 11.93
C ALA A 63 -4.05 -47.31 12.72
N ASP A 64 -4.77 -46.43 12.05
CA ASP A 64 -5.87 -45.69 12.66
C ASP A 64 -6.34 -44.58 11.71
N PRO A 65 -7.65 -44.45 11.51
CA PRO A 65 -8.21 -43.43 10.62
C PRO A 65 -7.58 -42.06 10.84
N ASP A 66 -7.26 -41.76 12.10
CA ASP A 66 -6.66 -40.48 12.45
C ASP A 66 -5.41 -40.64 13.31
N CYS A 67 -4.42 -41.31 12.74
CA CYS A 67 -3.15 -41.54 13.42
C CYS A 67 -2.28 -40.29 13.20
N TYR A 68 -2.33 -39.79 11.97
CA TYR A 68 -1.57 -38.61 11.58
C TYR A 68 -1.83 -37.42 12.49
N ASP A 69 -3.06 -36.89 12.44
CA ASP A 69 -3.43 -35.76 13.27
C ASP A 69 -3.07 -35.96 14.73
N THR A 70 -3.26 -37.17 15.23
CA THR A 70 -2.95 -37.46 16.62
C THR A 70 -1.45 -37.37 16.88
N ARG A 71 -0.65 -38.04 16.05
CA ARG A 71 0.79 -38.01 16.21
C ARG A 71 1.32 -36.59 15.99
N THR A 72 0.70 -35.87 15.06
CA THR A 72 1.11 -34.51 14.76
C THR A 72 0.87 -33.61 15.97
N SER A 73 -0.38 -33.57 16.44
CA SER A 73 -0.72 -32.75 17.60
C SER A 73 0.25 -33.04 18.73
N ALA A 74 0.73 -34.27 18.80
CA ALA A 74 1.67 -34.68 19.83
C ALA A 74 3.00 -33.96 19.62
N LEU A 75 3.44 -33.86 18.37
CA LEU A 75 4.69 -33.17 18.06
C LEU A 75 4.57 -31.70 18.43
N SER A 76 3.50 -31.06 17.98
CA SER A 76 3.27 -29.66 18.28
C SER A 76 3.24 -29.42 19.78
N ALA A 77 2.63 -30.35 20.50
CA ALA A 77 2.53 -30.24 21.96
C ALA A 77 3.92 -30.33 22.57
N LYS A 78 4.75 -31.19 22.00
CA LYS A 78 6.10 -31.39 22.50
C LYS A 78 6.99 -30.17 22.26
N SER A 79 6.77 -29.47 21.16
CA SER A 79 7.58 -28.28 20.87
C SER A 79 7.12 -27.12 21.75
N CYS A 80 6.07 -27.37 22.54
CA CYS A 80 5.53 -26.36 23.43
C CYS A 80 6.07 -26.48 24.85
N GLU A 81 6.59 -27.65 25.19
CA GLU A 81 7.13 -27.89 26.53
C GLU A 81 8.47 -27.21 26.71
N SER A 82 8.75 -26.76 27.93
CA SER A 82 10.01 -26.10 28.23
C SER A 82 11.16 -27.06 27.92
N ASN A 83 12.29 -26.50 27.47
CA ASN A 83 13.45 -27.31 27.14
C ASN A 83 13.06 -28.42 26.16
N SER A 84 12.14 -28.11 25.26
CA SER A 84 11.68 -29.09 24.28
C SER A 84 12.85 -29.64 23.47
N PRO A 85 12.75 -30.90 23.05
CA PRO A 85 13.83 -31.50 22.27
C PRO A 85 13.83 -30.96 20.84
N PHE A 86 12.71 -30.38 20.44
CA PHE A 86 12.56 -29.82 19.09
C PHE A 86 12.92 -28.35 18.99
N PRO A 87 13.34 -27.91 17.79
CA PRO A 87 13.69 -26.50 17.58
C PRO A 87 12.36 -25.79 17.43
N VAL A 88 12.31 -24.51 17.77
CA VAL A 88 11.07 -23.75 17.64
C VAL A 88 11.35 -22.40 17.01
N HIS A 89 10.31 -21.75 16.50
CA HIS A 89 10.45 -20.44 15.89
C HIS A 89 10.23 -19.37 16.95
N PRO A 90 10.79 -18.17 16.75
CA PRO A 90 10.59 -17.12 17.74
C PRO A 90 9.08 -16.88 17.84
N GLY A 91 8.59 -16.63 19.05
CA GLY A 91 7.16 -16.40 19.20
C GLY A 91 6.37 -17.68 19.41
N THR A 92 7.06 -18.81 19.45
CA THR A 92 6.40 -20.09 19.67
C THR A 92 5.76 -20.11 21.05
N ALA A 93 6.53 -19.68 22.06
CA ALA A 93 6.04 -19.63 23.43
C ALA A 93 4.71 -18.92 23.51
N GLU A 94 4.53 -17.91 22.67
CA GLU A 94 3.28 -17.14 22.65
C GLU A 94 2.17 -18.04 22.13
N CYS A 95 2.45 -18.75 21.04
CA CYS A 95 1.49 -19.65 20.43
C CYS A 95 1.03 -20.77 21.37
N CYS A 96 1.90 -21.14 22.31
CA CYS A 96 1.58 -22.22 23.24
C CYS A 96 0.69 -21.82 24.41
N THR A 97 0.43 -20.52 24.56
CA THR A 97 -0.44 -20.05 25.64
C THR A 97 -1.88 -20.23 25.19
N LYS A 98 -2.05 -20.46 23.89
CA LYS A 98 -3.36 -20.67 23.29
C LYS A 98 -3.69 -22.16 23.27
N GLU A 99 -4.84 -22.53 22.72
CA GLU A 99 -5.23 -23.94 22.71
C GLU A 99 -5.81 -24.43 21.38
N GLY A 100 -5.89 -25.75 21.25
CA GLY A 100 -6.44 -26.38 20.06
C GLY A 100 -6.33 -25.65 18.74
N LEU A 101 -7.42 -25.00 18.34
CA LEU A 101 -7.45 -24.25 17.09
C LEU A 101 -6.29 -23.26 16.99
N GLU A 102 -6.33 -22.24 17.83
CA GLU A 102 -5.28 -21.22 17.83
C GLU A 102 -3.87 -21.84 17.80
N ARG A 103 -3.71 -22.96 18.52
CA ARG A 103 -2.42 -23.65 18.56
C ARG A 103 -1.90 -23.97 17.16
N LYS A 104 -2.55 -24.93 16.51
CA LYS A 104 -2.16 -25.36 15.18
C LYS A 104 -2.08 -24.21 14.18
N LEU A 105 -2.96 -23.23 14.32
CA LEU A 105 -2.97 -22.07 13.42
C LEU A 105 -1.82 -21.11 13.69
N CYS A 106 -1.75 -20.62 14.93
CA CYS A 106 -0.71 -19.68 15.35
C CYS A 106 0.68 -20.15 14.92
N MET A 107 1.06 -21.34 15.38
CA MET A 107 2.36 -21.91 15.06
C MET A 107 2.58 -22.12 13.56
N ALA A 108 1.54 -22.57 12.87
CA ALA A 108 1.64 -22.82 11.43
C ALA A 108 1.99 -21.55 10.67
N ALA A 109 1.65 -20.41 11.26
CA ALA A 109 1.92 -19.10 10.65
C ALA A 109 3.36 -18.66 10.85
N LEU A 110 3.89 -18.88 12.05
CA LEU A 110 5.26 -18.50 12.39
C LEU A 110 6.26 -18.77 11.28
N LYS A 111 6.99 -17.74 10.87
CA LYS A 111 7.98 -17.88 9.82
C LYS A 111 9.38 -17.66 10.38
N HIS A 112 10.40 -17.97 9.58
CA HIS A 112 11.77 -17.80 10.03
C HIS A 112 12.48 -16.67 9.29
N GLN A 113 13.51 -16.11 9.92
CA GLN A 113 14.30 -15.05 9.33
C GLN A 113 15.42 -15.69 8.53
N PRO A 114 15.94 -14.99 7.53
CA PRO A 114 17.05 -15.56 6.75
C PRO A 114 18.33 -15.47 7.58
N GLN A 115 19.34 -16.25 7.18
CA GLN A 115 20.62 -16.22 7.87
C GLN A 115 21.49 -15.22 7.11
N GLU A 116 21.85 -14.11 7.76
CA GLU A 116 22.67 -13.10 7.12
C GLU A 116 24.16 -13.33 7.36
N PHE A 117 24.48 -14.23 8.28
CA PHE A 117 25.88 -14.52 8.58
C PHE A 117 26.18 -16.01 8.46
N PRO A 118 26.34 -16.50 7.22
CA PRO A 118 26.64 -17.93 7.09
C PRO A 118 28.02 -18.24 7.67
N THR A 119 28.16 -19.41 8.27
CA THR A 119 29.44 -19.81 8.85
C THR A 119 29.95 -21.10 8.24
N TYR A 120 29.29 -21.55 7.17
CA TYR A 120 29.72 -22.78 6.52
C TYR A 120 31.04 -22.58 5.78
N VAL A 121 32.00 -23.47 6.03
CA VAL A 121 33.30 -23.40 5.35
C VAL A 121 33.67 -24.84 5.02
N GLU A 122 33.86 -25.14 3.75
CA GLU A 122 34.21 -26.50 3.36
C GLU A 122 35.59 -26.85 3.90
N PRO A 123 35.69 -28.00 4.58
CA PRO A 123 36.96 -28.48 5.17
C PRO A 123 37.92 -28.88 4.05
N THR A 124 39.13 -29.27 4.42
CA THR A 124 40.15 -29.70 3.47
C THR A 124 39.78 -31.13 3.04
N ASN A 125 40.33 -31.59 1.91
CA ASN A 125 40.03 -32.94 1.45
C ASN A 125 40.36 -33.95 2.54
N ASP A 126 41.51 -33.75 3.20
CA ASP A 126 41.94 -34.63 4.27
C ASP A 126 40.88 -34.73 5.36
N GLU A 127 40.40 -33.57 5.81
CA GLU A 127 39.40 -33.54 6.86
C GLU A 127 38.07 -34.16 6.44
N ILE A 128 37.68 -33.92 5.20
CA ILE A 128 36.41 -34.47 4.72
C ILE A 128 36.45 -35.99 4.74
N CYS A 129 37.46 -36.57 4.12
CA CYS A 129 37.55 -38.03 4.07
C CYS A 129 37.75 -38.64 5.44
N GLU A 130 38.46 -37.95 6.32
CA GLU A 130 38.71 -38.46 7.65
C GLU A 130 37.36 -38.67 8.36
N ALA A 131 36.49 -37.66 8.29
CA ALA A 131 35.19 -37.75 8.93
C ALA A 131 34.27 -38.72 8.20
N PHE A 132 34.36 -38.75 6.88
CA PHE A 132 33.51 -39.64 6.08
C PHE A 132 33.74 -41.11 6.42
N ARG A 133 35.00 -41.50 6.54
CA ARG A 133 35.33 -42.88 6.86
C ARG A 133 34.96 -43.23 8.30
N LYS A 134 35.23 -42.33 9.23
CA LYS A 134 34.90 -42.57 10.63
C LYS A 134 33.41 -42.90 10.78
N ASP A 135 32.57 -42.08 10.17
CA ASP A 135 31.13 -42.27 10.25
C ASP A 135 30.45 -41.53 9.10
N PRO A 136 30.27 -42.20 7.94
CA PRO A 136 29.64 -41.63 6.74
C PRO A 136 28.19 -41.16 6.91
N LYS A 137 27.45 -41.83 7.79
CA LYS A 137 26.05 -41.47 8.01
C LYS A 137 25.99 -40.14 8.75
N GLU A 138 26.81 -40.03 9.79
CA GLU A 138 26.89 -38.83 10.60
C GLU A 138 27.42 -37.68 9.75
N TYR A 139 28.40 -37.97 8.91
CA TYR A 139 28.99 -36.95 8.05
C TYR A 139 27.92 -36.37 7.12
N ALA A 140 27.19 -37.25 6.46
CA ALA A 140 26.14 -36.86 5.53
C ALA A 140 25.03 -36.08 6.23
N ASN A 141 24.64 -36.54 7.42
CA ASN A 141 23.59 -35.86 8.16
C ASN A 141 24.03 -34.47 8.61
N GLN A 142 25.22 -34.40 9.18
CA GLN A 142 25.73 -33.12 9.65
C GLN A 142 25.88 -32.15 8.47
N PHE A 143 26.38 -32.64 7.34
CA PHE A 143 26.53 -31.78 6.17
C PHE A 143 25.18 -31.25 5.66
N MET A 144 24.18 -32.12 5.56
CA MET A 144 22.86 -31.71 5.08
C MET A 144 22.24 -30.65 6.00
N TRP A 145 22.39 -30.87 7.30
CA TRP A 145 21.86 -29.93 8.30
C TRP A 145 22.62 -28.60 8.24
N GLU A 146 23.94 -28.65 8.26
CA GLU A 146 24.72 -27.42 8.22
C GLU A 146 24.56 -26.62 6.93
N TYR A 147 24.59 -27.32 5.80
CA TYR A 147 24.46 -26.61 4.54
C TYR A 147 23.08 -25.95 4.42
N SER A 148 22.04 -26.71 4.71
CA SER A 148 20.67 -26.23 4.62
C SER A 148 20.30 -25.13 5.61
N THR A 149 20.84 -25.17 6.83
CA THR A 149 20.53 -24.11 7.79
C THR A 149 21.28 -22.86 7.42
N ASN A 150 22.40 -23.00 6.72
CA ASN A 150 23.20 -21.84 6.31
C ASN A 150 22.62 -21.18 5.05
N TYR A 151 22.17 -22.01 4.12
CA TYR A 151 21.65 -21.50 2.84
C TYR A 151 20.19 -21.84 2.64
N GLY A 152 19.43 -21.78 3.72
CA GLY A 152 18.02 -22.11 3.72
C GLY A 152 17.06 -21.34 2.83
N GLN A 153 17.47 -20.20 2.28
CA GLN A 153 16.59 -19.41 1.42
C GLN A 153 16.67 -19.87 -0.04
N ALA A 154 17.63 -20.73 -0.34
CA ALA A 154 17.73 -21.29 -1.68
C ALA A 154 16.54 -22.26 -1.73
N PRO A 155 16.03 -22.61 -2.93
CA PRO A 155 14.89 -23.52 -3.02
C PRO A 155 15.16 -24.91 -2.44
N LEU A 156 14.17 -25.50 -1.79
CA LEU A 156 14.33 -26.84 -1.21
C LEU A 156 14.88 -27.86 -2.22
N SER A 157 14.27 -27.94 -3.40
CA SER A 157 14.71 -28.90 -4.41
C SER A 157 16.17 -28.68 -4.83
N LEU A 158 16.61 -27.42 -4.82
CA LEU A 158 17.98 -27.08 -5.17
C LEU A 158 18.91 -27.60 -4.07
N LEU A 159 18.50 -27.41 -2.81
CA LEU A 159 19.30 -27.86 -1.68
C LEU A 159 19.37 -29.39 -1.69
N VAL A 160 18.26 -30.03 -2.03
CA VAL A 160 18.22 -31.48 -2.09
C VAL A 160 19.17 -31.97 -3.19
N SER A 161 19.08 -31.33 -4.36
CA SER A 161 19.91 -31.71 -5.48
C SER A 161 21.41 -31.44 -5.26
N TYR A 162 21.76 -30.28 -4.72
CA TYR A 162 23.16 -30.00 -4.50
C TYR A 162 23.77 -30.88 -3.40
N THR A 163 23.06 -31.05 -2.28
CA THR A 163 23.61 -31.86 -1.21
C THR A 163 23.79 -33.31 -1.66
N LYS A 164 22.85 -33.82 -2.45
CA LYS A 164 22.95 -35.18 -2.97
C LYS A 164 24.20 -35.27 -3.85
N SER A 165 24.36 -34.31 -4.76
CA SER A 165 25.50 -34.31 -5.67
C SER A 165 26.82 -34.13 -4.92
N TYR A 166 26.80 -33.32 -3.88
CA TYR A 166 28.01 -33.10 -3.10
C TYR A 166 28.40 -34.40 -2.39
N LEU A 167 27.41 -35.07 -1.80
CA LEU A 167 27.68 -36.31 -1.07
C LEU A 167 28.12 -37.45 -2.02
N SER A 168 27.67 -37.40 -3.27
CA SER A 168 28.10 -38.42 -4.24
C SER A 168 29.58 -38.17 -4.52
N MET A 169 29.96 -36.90 -4.60
CA MET A 169 31.36 -36.55 -4.83
C MET A 169 32.23 -37.03 -3.67
N VAL A 170 31.81 -36.73 -2.45
CA VAL A 170 32.59 -37.16 -1.29
C VAL A 170 32.68 -38.69 -1.32
N GLY A 171 31.57 -39.34 -1.67
CA GLY A 171 31.56 -40.80 -1.73
C GLY A 171 32.57 -41.38 -2.71
N SER A 172 32.71 -40.76 -3.88
CA SER A 172 33.63 -41.23 -4.90
C SER A 172 35.08 -40.90 -4.59
N CYS A 173 35.34 -39.63 -4.34
CA CYS A 173 36.69 -39.17 -4.08
C CYS A 173 37.32 -39.68 -2.80
N CYS A 174 36.52 -39.94 -1.77
CA CYS A 174 37.11 -40.45 -0.54
C CYS A 174 37.40 -41.96 -0.61
N THR A 175 36.97 -42.60 -1.69
CA THR A 175 37.24 -44.03 -1.88
C THR A 175 38.13 -44.16 -3.11
N SER A 176 38.70 -43.04 -3.52
CA SER A 176 39.57 -43.00 -4.70
C SER A 176 41.03 -43.31 -4.39
N ALA A 177 41.74 -43.78 -5.41
CA ALA A 177 43.16 -44.09 -5.26
C ALA A 177 43.91 -42.77 -5.44
N SER A 178 43.23 -41.80 -6.06
CA SER A 178 43.79 -40.48 -6.30
C SER A 178 42.78 -39.42 -5.86
N PRO A 179 42.60 -39.25 -4.54
CA PRO A 179 41.66 -38.27 -3.98
C PRO A 179 41.82 -36.82 -4.45
N THR A 180 43.06 -36.31 -4.46
CA THR A 180 43.28 -34.94 -4.89
C THR A 180 42.76 -34.67 -6.29
N VAL A 181 43.14 -35.53 -7.23
CA VAL A 181 42.70 -35.38 -8.62
C VAL A 181 41.18 -35.54 -8.76
N CYS A 182 40.62 -36.51 -8.05
CA CYS A 182 39.18 -36.76 -8.10
C CYS A 182 38.39 -35.54 -7.60
N PHE A 183 38.83 -34.96 -6.48
CA PHE A 183 38.14 -33.80 -5.91
C PHE A 183 38.22 -32.59 -6.83
N LEU A 184 39.40 -32.34 -7.36
CA LEU A 184 39.63 -31.21 -8.25
C LEU A 184 38.65 -31.29 -9.41
N LYS A 185 38.58 -32.46 -10.04
CA LYS A 185 37.68 -32.67 -11.17
C LYS A 185 36.20 -32.54 -10.78
N GLU A 186 35.81 -33.21 -9.71
CA GLU A 186 34.41 -33.16 -9.29
C GLU A 186 33.93 -31.80 -8.83
N ARG A 187 34.76 -31.08 -8.09
CA ARG A 187 34.36 -29.74 -7.64
C ARG A 187 34.05 -28.86 -8.85
N LEU A 188 34.86 -28.97 -9.89
CA LEU A 188 34.64 -28.19 -11.11
C LEU A 188 33.28 -28.50 -11.72
N GLN A 189 32.92 -29.77 -11.75
CA GLN A 189 31.63 -30.17 -12.29
C GLN A 189 30.45 -29.66 -11.46
N LEU A 190 30.67 -29.50 -10.15
CA LEU A 190 29.62 -29.03 -9.25
C LEU A 190 29.64 -27.52 -9.03
N LYS A 191 30.70 -26.87 -9.50
CA LYS A 191 30.89 -25.44 -9.35
C LYS A 191 29.64 -24.61 -9.67
N HIS A 192 29.03 -24.92 -10.82
CA HIS A 192 27.83 -24.21 -11.25
C HIS A 192 26.72 -24.33 -10.21
N LEU A 193 26.44 -25.56 -9.79
CA LEU A 193 25.40 -25.82 -8.81
C LEU A 193 25.73 -25.20 -7.44
N SER A 194 27.01 -25.19 -7.09
CA SER A 194 27.44 -24.63 -5.82
C SER A 194 27.12 -23.13 -5.76
N LEU A 195 27.55 -22.42 -6.79
CA LEU A 195 27.31 -20.99 -6.88
C LEU A 195 25.83 -20.64 -6.95
N LEU A 196 25.06 -21.44 -7.68
CA LEU A 196 23.63 -21.16 -7.81
C LEU A 196 22.95 -21.19 -6.45
N THR A 197 23.35 -22.16 -5.63
CA THR A 197 22.78 -22.29 -4.30
C THR A 197 23.13 -21.12 -3.38
N THR A 198 24.40 -20.73 -3.32
CA THR A 198 24.79 -19.63 -2.46
C THR A 198 24.27 -18.30 -3.01
N LEU A 199 24.34 -18.15 -4.33
CA LEU A 199 23.85 -16.93 -4.96
C LEU A 199 22.34 -16.76 -4.67
N SER A 200 21.56 -17.81 -4.91
CA SER A 200 20.11 -17.71 -4.69
C SER A 200 19.79 -17.47 -3.22
N ASN A 201 20.51 -18.15 -2.32
CA ASN A 201 20.23 -17.93 -0.90
C ASN A 201 20.51 -16.48 -0.51
N ARG A 202 21.62 -15.93 -0.97
CA ARG A 202 21.95 -14.55 -0.59
C ARG A 202 20.96 -13.51 -1.12
N VAL A 203 20.73 -13.50 -2.43
CA VAL A 203 19.82 -12.51 -2.97
C VAL A 203 18.40 -12.70 -2.40
N CYS A 204 17.99 -13.93 -2.17
CA CYS A 204 16.65 -14.16 -1.62
C CYS A 204 16.59 -13.83 -0.12
N SER A 205 17.70 -13.94 0.60
CA SER A 205 17.68 -13.57 2.01
C SER A 205 17.48 -12.05 2.11
N GLN A 206 18.10 -11.31 1.20
CA GLN A 206 17.95 -9.85 1.20
C GLN A 206 16.51 -9.53 0.84
N TYR A 207 15.99 -10.21 -0.18
CA TYR A 207 14.62 -9.99 -0.63
C TYR A 207 13.64 -10.30 0.50
N ALA A 208 13.90 -11.37 1.24
CA ALA A 208 13.03 -11.76 2.34
C ALA A 208 13.07 -10.72 3.45
N ALA A 209 14.24 -10.12 3.64
CA ALA A 209 14.38 -9.12 4.68
C ALA A 209 13.67 -7.81 4.34
N TYR A 210 13.67 -7.45 3.07
CA TYR A 210 13.07 -6.21 2.63
C TYR A 210 11.63 -6.26 2.14
N GLY A 211 11.28 -7.28 1.37
CA GLY A 211 9.93 -7.32 0.83
C GLY A 211 10.07 -6.66 -0.52
N GLU A 212 9.11 -6.87 -1.42
CA GLU A 212 9.18 -6.32 -2.78
C GLU A 212 9.42 -4.82 -2.94
N LYS A 213 8.66 -4.00 -2.24
CA LYS A 213 8.83 -2.56 -2.37
C LYS A 213 10.21 -2.06 -1.96
N LYS A 214 10.65 -2.43 -0.78
CA LYS A 214 11.96 -1.98 -0.30
C LYS A 214 13.10 -2.63 -1.09
N SER A 215 12.88 -3.83 -1.60
CA SER A 215 13.90 -4.52 -2.38
C SER A 215 14.13 -3.77 -3.70
N ARG A 216 13.03 -3.39 -4.33
CA ARG A 216 13.09 -2.64 -5.58
C ARG A 216 13.87 -1.36 -5.40
N LEU A 217 13.55 -0.63 -4.34
CA LEU A 217 14.23 0.63 -4.04
C LEU A 217 15.69 0.37 -3.70
N SER A 218 15.94 -0.74 -3.01
CA SER A 218 17.28 -1.14 -2.62
C SER A 218 18.14 -1.39 -3.86
N ASN A 219 17.58 -2.11 -4.83
CA ASN A 219 18.30 -2.41 -6.05
C ASN A 219 18.56 -1.18 -6.92
N LEU A 220 17.68 -0.19 -6.82
CA LEU A 220 17.85 1.05 -7.59
C LEU A 220 18.98 1.86 -6.96
N ILE A 221 19.01 1.87 -5.64
CA ILE A 221 20.05 2.60 -4.92
C ILE A 221 21.43 1.98 -5.22
N LYS A 222 21.54 0.67 -5.07
CA LYS A 222 22.80 -0.03 -5.34
C LYS A 222 23.27 0.16 -6.77
N LEU A 223 22.33 0.08 -7.71
CA LEU A 223 22.69 0.23 -9.10
C LEU A 223 23.20 1.65 -9.38
N ALA A 224 22.59 2.65 -8.74
CA ALA A 224 23.00 4.03 -8.93
C ALA A 224 24.37 4.31 -8.31
N GLN A 225 24.69 3.61 -7.23
CA GLN A 225 25.97 3.79 -6.58
C GLN A 225 27.10 3.12 -7.34
N LYS A 226 26.74 2.11 -8.13
CA LYS A 226 27.71 1.36 -8.94
C LYS A 226 28.03 2.04 -10.27
N VAL A 227 27.03 2.73 -10.86
CA VAL A 227 27.23 3.45 -12.11
C VAL A 227 26.62 4.83 -11.95
N PRO A 228 27.20 5.67 -11.07
CA PRO A 228 26.65 7.01 -10.87
C PRO A 228 26.70 7.91 -12.08
N THR A 229 27.44 7.52 -13.12
CA THR A 229 27.55 8.33 -14.33
C THR A 229 26.48 7.97 -15.37
N ALA A 230 25.68 6.96 -15.09
CA ALA A 230 24.62 6.54 -16.01
C ALA A 230 23.37 7.40 -15.82
N ASP A 231 22.41 7.27 -16.73
CA ASP A 231 21.16 8.02 -16.62
C ASP A 231 20.13 7.12 -15.94
N LEU A 232 19.09 7.73 -15.39
CA LEU A 232 18.04 6.98 -14.72
C LEU A 232 17.47 5.89 -15.62
N GLU A 233 17.27 6.23 -16.89
CA GLU A 233 16.70 5.28 -17.84
C GLU A 233 17.61 4.11 -18.15
N ASP A 234 18.88 4.21 -17.74
CA ASP A 234 19.82 3.12 -17.95
C ASP A 234 19.67 2.07 -16.86
N VAL A 235 19.49 2.52 -15.63
CA VAL A 235 19.39 1.60 -14.50
C VAL A 235 18.02 1.20 -13.98
N LEU A 236 17.06 2.11 -14.03
CA LEU A 236 15.72 1.83 -13.54
C LEU A 236 15.16 0.50 -14.06
N PRO A 237 15.13 0.31 -15.38
CA PRO A 237 14.60 -0.94 -15.94
C PRO A 237 15.32 -2.17 -15.38
N LEU A 238 16.63 -2.04 -15.18
CA LEU A 238 17.44 -3.14 -14.63
C LEU A 238 17.02 -3.43 -13.20
N ALA A 239 16.79 -2.37 -12.42
CA ALA A 239 16.38 -2.53 -11.04
C ALA A 239 15.00 -3.18 -10.98
N GLU A 240 14.13 -2.81 -11.91
CA GLU A 240 12.78 -3.36 -11.98
C GLU A 240 12.86 -4.84 -12.29
N ASP A 241 13.67 -5.15 -13.30
CA ASP A 241 13.85 -6.50 -13.78
C ASP A 241 14.38 -7.49 -12.73
N ILE A 242 15.42 -7.11 -11.99
CA ILE A 242 15.94 -8.04 -11.00
C ILE A 242 14.92 -8.23 -9.88
N THR A 243 14.25 -7.16 -9.49
CA THR A 243 13.25 -7.23 -8.44
C THR A 243 12.16 -8.22 -8.84
N ASN A 244 11.74 -8.16 -10.10
CA ASN A 244 10.72 -9.05 -10.60
C ASN A 244 11.26 -10.48 -10.59
N ILE A 245 12.53 -10.65 -10.94
CA ILE A 245 13.11 -11.97 -10.95
C ILE A 245 13.15 -12.53 -9.53
N LEU A 246 13.41 -11.66 -8.56
CA LEU A 246 13.47 -12.07 -7.16
C LEU A 246 12.07 -12.43 -6.64
N SER A 247 11.09 -11.57 -6.95
CA SER A 247 9.71 -11.81 -6.52
C SER A 247 9.23 -13.17 -6.99
N LYS A 248 9.67 -13.56 -8.18
CA LYS A 248 9.27 -14.83 -8.75
C LYS A 248 10.06 -16.04 -8.22
N CYS A 249 11.37 -16.02 -8.39
CA CYS A 249 12.20 -17.15 -7.97
C CYS A 249 12.29 -17.41 -6.46
N CYS A 250 12.36 -16.35 -5.68
CA CYS A 250 12.47 -16.50 -4.24
C CYS A 250 11.20 -17.06 -3.63
N GLU A 251 10.13 -17.08 -4.41
CA GLU A 251 8.85 -17.58 -3.91
C GLU A 251 8.38 -18.77 -4.76
N SER A 252 9.30 -19.33 -5.52
CA SER A 252 9.00 -20.48 -6.37
C SER A 252 9.76 -21.72 -5.88
N ALA A 253 9.17 -22.90 -6.02
CA ALA A 253 9.81 -24.14 -5.57
C ALA A 253 10.74 -24.72 -6.63
N SER A 254 10.73 -24.11 -7.81
CA SER A 254 11.57 -24.57 -8.92
C SER A 254 13.05 -24.38 -8.62
N GLU A 255 13.83 -25.45 -8.74
CA GLU A 255 15.26 -25.40 -8.43
C GLU A 255 16.12 -24.61 -9.41
N ASP A 256 15.62 -24.36 -10.62
CA ASP A 256 16.42 -23.61 -11.58
C ASP A 256 15.80 -22.30 -12.07
N CYS A 257 14.79 -21.80 -11.34
CA CYS A 257 14.15 -20.54 -11.71
C CYS A 257 15.17 -19.41 -11.86
N MET A 258 16.12 -19.35 -10.94
CA MET A 258 17.14 -18.32 -10.97
C MET A 258 18.13 -18.53 -12.10
N ALA A 259 18.53 -19.78 -12.31
CA ALA A 259 19.48 -20.11 -13.38
C ALA A 259 18.91 -19.79 -14.76
N LYS A 260 17.59 -19.81 -14.89
CA LYS A 260 16.95 -19.54 -16.17
C LYS A 260 16.64 -18.07 -16.42
N GLU A 261 16.45 -17.30 -15.36
CA GLU A 261 16.14 -15.89 -15.48
C GLU A 261 17.35 -14.99 -15.68
N LEU A 262 18.45 -15.28 -15.01
CA LEU A 262 19.64 -14.46 -15.12
C LEU A 262 20.25 -14.24 -16.50
N PRO A 263 20.31 -15.29 -17.35
CA PRO A 263 20.88 -15.11 -18.68
C PRO A 263 20.34 -13.89 -19.42
N GLU A 264 19.03 -13.76 -19.47
CA GLU A 264 18.42 -12.63 -20.16
C GLU A 264 18.61 -11.33 -19.39
N HIS A 265 18.72 -11.44 -18.06
CA HIS A 265 18.92 -10.24 -17.25
C HIS A 265 20.30 -9.69 -17.50
N THR A 266 21.30 -10.57 -17.51
CA THR A 266 22.67 -10.14 -17.72
C THR A 266 22.88 -9.56 -19.11
N VAL A 267 22.10 -10.01 -20.09
CA VAL A 267 22.22 -9.48 -21.45
C VAL A 267 21.77 -8.03 -21.45
N LYS A 268 20.62 -7.76 -20.83
CA LYS A 268 20.09 -6.40 -20.76
C LYS A 268 21.03 -5.50 -19.97
N LEU A 269 21.58 -6.02 -18.89
CA LEU A 269 22.48 -5.22 -18.07
C LEU A 269 23.74 -4.86 -18.84
N CYS A 270 24.29 -5.82 -19.56
CA CYS A 270 25.50 -5.55 -20.33
C CYS A 270 25.25 -4.68 -21.56
N ASP A 271 24.09 -4.87 -22.19
CA ASP A 271 23.75 -4.05 -23.37
C ASP A 271 23.60 -2.61 -22.92
N ASN A 272 23.05 -2.43 -21.72
CA ASN A 272 22.84 -1.11 -21.15
C ASN A 272 24.11 -0.49 -20.55
N LEU A 273 24.86 -1.27 -19.78
CA LEU A 273 26.02 -0.75 -19.07
C LEU A 273 27.48 -1.06 -19.47
N SER A 274 27.70 -2.06 -20.31
CA SER A 274 29.07 -2.41 -20.70
C SER A 274 29.94 -1.27 -21.20
N THR A 275 29.32 -0.18 -21.66
CA THR A 275 30.08 0.97 -22.16
C THR A 275 29.96 2.19 -21.23
N LYS A 276 29.27 2.02 -20.11
CA LYS A 276 29.07 3.13 -19.18
C LYS A 276 30.24 3.30 -18.21
N ASN A 277 30.85 2.19 -17.80
CA ASN A 277 32.03 2.29 -16.94
C ASN A 277 32.88 1.04 -16.99
N SER A 278 34.11 1.20 -16.53
CA SER A 278 35.12 0.14 -16.55
C SER A 278 34.70 -1.11 -15.80
N LYS A 279 34.19 -0.93 -14.58
CA LYS A 279 33.79 -2.07 -13.77
C LYS A 279 32.71 -2.90 -14.45
N PHE A 280 31.72 -2.25 -15.06
CA PHE A 280 30.70 -3.03 -15.73
C PHE A 280 31.26 -3.69 -16.98
N GLU A 281 32.20 -3.04 -17.66
CA GLU A 281 32.74 -3.70 -18.84
C GLU A 281 33.46 -4.96 -18.40
N ASP A 282 34.23 -4.87 -17.32
CA ASP A 282 34.94 -6.06 -16.82
C ASP A 282 33.95 -7.15 -16.45
N CYS A 283 32.94 -6.83 -15.66
CA CYS A 283 31.95 -7.82 -15.25
C CYS A 283 31.31 -8.48 -16.47
N CYS A 284 31.05 -7.70 -17.50
CA CYS A 284 30.43 -8.25 -18.68
C CYS A 284 31.33 -9.15 -19.50
N GLN A 285 32.60 -9.21 -19.13
CA GLN A 285 33.55 -10.07 -19.82
C GLN A 285 33.60 -11.45 -19.16
N GLU A 286 32.76 -11.66 -18.14
CA GLU A 286 32.72 -12.95 -17.46
C GLU A 286 32.15 -14.00 -18.41
N LYS A 287 32.57 -15.25 -18.23
CA LYS A 287 32.15 -16.33 -19.10
C LYS A 287 30.69 -16.78 -19.03
N THR A 288 30.12 -16.87 -17.84
CA THR A 288 28.73 -17.30 -17.70
C THR A 288 27.85 -16.20 -17.12
N ALA A 289 26.55 -16.29 -17.39
CA ALA A 289 25.61 -15.31 -16.89
C ALA A 289 25.73 -15.17 -15.37
N MET A 290 25.72 -16.29 -14.65
CA MET A 290 25.84 -16.21 -13.20
C MET A 290 27.10 -15.45 -12.80
N ASP A 291 28.19 -15.71 -13.48
CA ASP A 291 29.44 -15.04 -13.17
C ASP A 291 29.32 -13.55 -13.43
N VAL A 292 28.55 -13.16 -14.45
CA VAL A 292 28.36 -11.74 -14.73
C VAL A 292 27.59 -11.15 -13.57
N PHE A 293 26.47 -11.79 -13.23
CA PHE A 293 25.62 -11.32 -12.14
C PHE A 293 26.41 -11.22 -10.82
N VAL A 294 27.08 -12.31 -10.44
CA VAL A 294 27.86 -12.32 -9.20
C VAL A 294 28.86 -11.17 -9.14
N CYS A 295 29.52 -10.91 -10.27
CA CYS A 295 30.50 -9.82 -10.37
C CYS A 295 29.78 -8.49 -10.16
N THR A 296 28.61 -8.36 -10.77
CA THR A 296 27.80 -7.16 -10.63
C THR A 296 27.40 -6.99 -9.17
N TYR A 297 27.09 -8.11 -8.52
CA TYR A 297 26.68 -8.12 -7.11
C TYR A 297 27.78 -7.65 -6.15
N PHE A 298 28.98 -8.22 -6.25
CA PHE A 298 30.05 -7.81 -5.35
C PHE A 298 30.66 -6.44 -5.65
N MET A 299 30.28 -5.85 -6.79
CA MET A 299 30.82 -4.55 -7.16
C MET A 299 30.56 -3.54 -6.04
N PRO A 300 31.62 -2.88 -5.55
CA PRO A 300 31.45 -1.90 -4.47
C PRO A 300 30.85 -0.60 -5.00
N ALA A 301 30.37 0.25 -4.09
CA ALA A 301 29.83 1.55 -4.46
C ALA A 301 31.02 2.31 -5.01
N ALA A 302 30.87 2.84 -6.22
CA ALA A 302 31.94 3.58 -6.86
C ALA A 302 32.16 4.92 -6.18
N GLN A 303 33.36 5.48 -6.36
CA GLN A 303 33.70 6.77 -5.78
C GLN A 303 32.72 7.75 -6.41
N LEU A 304 31.67 8.06 -5.67
CA LEU A 304 30.61 8.94 -6.12
C LEU A 304 31.01 10.36 -6.46
N PRO A 305 30.66 10.80 -7.68
CA PRO A 305 30.98 12.16 -8.14
C PRO A 305 30.05 13.13 -7.44
N GLU A 306 30.58 14.26 -7.00
CA GLU A 306 29.73 15.24 -6.34
C GLU A 306 28.95 16.02 -7.39
N LEU A 307 27.81 15.45 -7.76
CA LEU A 307 26.92 16.04 -8.73
C LEU A 307 26.10 17.10 -8.02
N PRO A 308 25.17 17.77 -8.73
CA PRO A 308 24.34 18.81 -8.13
C PRO A 308 23.46 18.28 -7.00
N ASP A 309 23.13 19.17 -6.05
CA ASP A 309 22.28 18.79 -4.94
C ASP A 309 20.92 18.36 -5.51
N VAL A 310 20.19 17.57 -4.74
CA VAL A 310 18.87 17.11 -5.19
C VAL A 310 17.85 17.46 -4.12
N GLU A 311 16.87 18.27 -4.48
CA GLU A 311 15.82 18.67 -3.55
C GLU A 311 14.78 17.59 -3.37
N LEU A 312 14.27 17.48 -2.15
CA LEU A 312 13.25 16.49 -1.83
C LEU A 312 12.02 16.78 -2.67
N PRO A 313 11.38 15.75 -3.23
CA PRO A 313 10.17 15.91 -4.06
C PRO A 313 8.94 16.30 -3.27
N THR A 314 8.82 17.58 -2.93
CA THR A 314 7.66 18.06 -2.19
C THR A 314 6.64 18.64 -3.18
N ASN A 315 6.10 17.79 -4.04
CA ASN A 315 5.14 18.20 -5.04
C ASN A 315 4.03 17.14 -5.19
N LYS A 316 2.82 17.60 -5.51
CA LYS A 316 1.67 16.72 -5.66
C LYS A 316 1.88 15.69 -6.77
N ASP A 317 2.86 15.96 -7.64
CA ASP A 317 3.18 15.07 -8.74
C ASP A 317 3.67 13.70 -8.24
N VAL A 318 3.84 13.59 -6.93
CA VAL A 318 4.29 12.34 -6.30
C VAL A 318 3.09 11.66 -5.64
N CYS A 319 1.89 11.95 -6.14
CA CYS A 319 0.70 11.38 -5.54
C CYS A 319 -0.01 10.30 -6.36
N ASP A 320 0.65 9.81 -7.41
CA ASP A 320 0.07 8.75 -8.24
C ASP A 320 0.67 7.40 -7.80
N PRO A 321 -0.09 6.61 -7.02
CA PRO A 321 0.38 5.30 -6.55
C PRO A 321 0.87 4.38 -7.67
N GLY A 322 0.28 4.54 -8.86
CA GLY A 322 0.66 3.72 -10.00
C GLY A 322 1.80 4.39 -10.75
N ASN A 323 2.36 5.44 -10.14
CA ASN A 323 3.46 6.18 -10.75
C ASN A 323 4.47 6.60 -9.68
N THR A 324 5.66 6.01 -9.73
CA THR A 324 6.71 6.33 -8.77
C THR A 324 7.89 6.99 -9.48
N LYS A 325 7.67 7.45 -10.71
CA LYS A 325 8.69 8.09 -11.52
C LYS A 325 9.45 9.23 -10.82
N VAL A 326 8.71 10.11 -10.15
CA VAL A 326 9.33 11.24 -9.45
C VAL A 326 10.11 10.76 -8.23
N MET A 327 9.56 9.78 -7.53
CA MET A 327 10.23 9.23 -6.36
C MET A 327 11.49 8.47 -6.78
N ASP A 328 11.39 7.69 -7.85
CA ASP A 328 12.51 6.90 -8.35
C ASP A 328 13.65 7.80 -8.80
N LYS A 329 13.31 8.85 -9.54
CA LYS A 329 14.32 9.79 -10.01
C LYS A 329 15.02 10.37 -8.80
N TYR A 330 14.24 10.81 -7.81
CA TYR A 330 14.83 11.38 -6.60
C TYR A 330 15.78 10.37 -5.95
N THR A 331 15.28 9.16 -5.76
CA THR A 331 16.07 8.08 -5.15
C THR A 331 17.38 7.90 -5.92
N PHE A 332 17.26 7.75 -7.23
CA PHE A 332 18.40 7.58 -8.11
C PHE A 332 19.39 8.74 -7.96
N GLU A 333 18.90 9.97 -8.07
CA GLU A 333 19.76 11.14 -7.95
C GLU A 333 20.42 11.31 -6.59
N LEU A 334 19.67 11.03 -5.52
CA LEU A 334 20.24 11.15 -4.18
C LEU A 334 21.32 10.09 -3.96
N SER A 335 21.07 8.87 -4.45
CA SER A 335 22.00 7.77 -4.28
C SER A 335 23.31 7.92 -5.05
N ARG A 336 23.23 8.44 -6.26
CA ARG A 336 24.41 8.61 -7.10
C ARG A 336 25.38 9.65 -6.55
N ARG A 337 24.87 10.58 -5.74
CA ARG A 337 25.72 11.64 -5.22
C ARG A 337 26.08 11.57 -3.74
N THR A 338 25.40 10.73 -2.98
CA THR A 338 25.67 10.66 -1.55
C THR A 338 26.54 9.48 -1.15
N HIS A 339 27.66 9.77 -0.49
CA HIS A 339 28.56 8.73 -0.03
C HIS A 339 28.01 8.21 1.29
N LEU A 340 27.13 7.23 1.20
CA LEU A 340 26.48 6.63 2.35
C LEU A 340 26.04 5.26 1.86
N PRO A 341 26.13 4.23 2.71
CA PRO A 341 25.74 2.88 2.31
C PRO A 341 24.25 2.70 2.06
N GLU A 342 23.91 1.80 1.15
CA GLU A 342 22.52 1.51 0.83
C GLU A 342 21.72 1.10 2.08
N VAL A 343 22.34 0.39 3.02
CA VAL A 343 21.62 -0.01 4.22
C VAL A 343 21.12 1.23 4.97
N PHE A 344 21.88 2.32 4.92
CA PHE A 344 21.45 3.55 5.58
C PHE A 344 20.39 4.25 4.72
N LEU A 345 20.71 4.42 3.45
CA LEU A 345 19.79 5.09 2.54
C LEU A 345 18.42 4.44 2.49
N SER A 346 18.38 3.12 2.35
CA SER A 346 17.11 2.41 2.32
C SER A 346 16.33 2.66 3.59
N LYS A 347 17.06 2.71 4.72
CA LYS A 347 16.44 2.92 6.01
C LYS A 347 15.76 4.28 6.18
N VAL A 348 16.42 5.34 5.75
CA VAL A 348 15.87 6.68 5.90
C VAL A 348 14.89 7.07 4.80
N LEU A 349 15.06 6.51 3.61
CA LEU A 349 14.17 6.82 2.49
C LEU A 349 12.75 6.29 2.68
N GLU A 350 12.60 5.19 3.42
CA GLU A 350 11.27 4.63 3.65
C GLU A 350 10.37 5.63 4.39
N PRO A 351 10.78 6.06 5.59
CA PRO A 351 9.97 7.02 6.35
C PRO A 351 9.83 8.34 5.59
N THR A 352 10.93 8.81 5.02
CA THR A 352 10.94 10.06 4.29
C THR A 352 9.92 10.08 3.14
N LEU A 353 10.11 9.18 2.19
CA LEU A 353 9.21 9.10 1.04
C LEU A 353 7.76 8.89 1.45
N LYS A 354 7.56 8.27 2.61
CA LYS A 354 6.22 8.01 3.12
C LYS A 354 5.66 9.28 3.76
N SER A 355 6.50 9.96 4.54
CA SER A 355 6.09 11.19 5.21
C SER A 355 5.54 12.15 4.16
N LEU A 356 6.17 12.18 2.99
CA LEU A 356 5.71 13.04 1.90
C LEU A 356 4.34 12.58 1.44
N GLY A 357 4.02 11.32 1.68
CA GLY A 357 2.73 10.78 1.28
C GLY A 357 1.59 11.34 2.09
N GLU A 358 1.79 11.48 3.40
CA GLU A 358 0.78 12.02 4.30
C GLU A 358 0.47 13.49 4.03
N CYS A 359 0.79 13.95 2.82
CA CYS A 359 0.55 15.33 2.43
C CYS A 359 -0.25 15.42 1.13
N CYS A 360 -0.48 14.28 0.50
CA CYS A 360 -1.22 14.25 -0.75
C CYS A 360 -2.73 14.45 -0.53
N ASP A 361 -3.35 13.50 0.15
CA ASP A 361 -4.78 13.56 0.41
C ASP A 361 -5.10 14.34 1.70
N VAL A 362 -4.98 15.67 1.63
CA VAL A 362 -5.27 16.52 2.77
C VAL A 362 -5.98 17.79 2.33
N GLU A 363 -6.47 18.57 3.30
CA GLU A 363 -7.18 19.80 2.99
C GLU A 363 -6.38 20.65 2.00
N ASP A 364 -5.17 21.02 2.41
CA ASP A 364 -4.30 21.82 1.54
C ASP A 364 -2.96 21.10 1.40
N SER A 365 -2.67 20.66 0.18
CA SER A 365 -1.42 19.95 -0.10
C SER A 365 -0.20 20.86 -0.11
N THR A 366 -0.21 21.84 -1.01
CA THR A 366 0.90 22.78 -1.12
C THR A 366 1.32 23.30 0.25
N THR A 367 0.33 23.55 1.10
CA THR A 367 0.59 24.06 2.44
C THR A 367 1.20 22.95 3.31
N CYS A 368 0.76 21.73 3.06
CA CYS A 368 1.27 20.58 3.80
C CYS A 368 2.72 20.37 3.38
N PHE A 369 2.94 20.24 2.08
CA PHE A 369 4.28 20.05 1.53
C PHE A 369 5.27 21.09 2.02
N ASN A 370 4.85 22.35 2.02
CA ASN A 370 5.72 23.43 2.47
C ASN A 370 5.88 23.45 3.98
N ALA A 371 5.01 22.73 4.68
CA ALA A 371 5.05 22.65 6.13
C ALA A 371 6.07 21.59 6.54
N LYS A 372 6.00 20.42 5.90
CA LYS A 372 6.92 19.32 6.19
C LYS A 372 8.26 19.50 5.51
N GLY A 373 8.24 20.09 4.32
CA GLY A 373 9.47 20.33 3.57
C GLY A 373 10.69 20.55 4.45
N PRO A 374 10.80 21.72 5.10
CA PRO A 374 11.94 22.02 5.96
C PRO A 374 12.17 20.94 7.02
N LEU A 375 11.08 20.43 7.59
CA LEU A 375 11.17 19.40 8.61
C LEU A 375 11.87 18.14 8.10
N LEU A 376 11.36 17.60 7.00
CA LEU A 376 11.95 16.40 6.40
C LEU A 376 13.39 16.65 5.97
N LYS A 377 13.59 17.75 5.26
CA LYS A 377 14.90 18.12 4.77
C LYS A 377 15.91 18.15 5.92
N LYS A 378 15.48 18.67 7.06
CA LYS A 378 16.32 18.76 8.25
C LYS A 378 16.65 17.38 8.79
N GLU A 379 15.62 16.55 8.95
CA GLU A 379 15.80 15.20 9.46
C GLU A 379 16.76 14.41 8.57
N LEU A 380 16.54 14.49 7.27
CA LEU A 380 17.34 13.79 6.28
C LEU A 380 18.83 14.14 6.32
N SER A 381 19.15 15.44 6.26
CA SER A 381 20.53 15.87 6.30
C SER A 381 21.19 15.41 7.60
N SER A 382 20.43 15.46 8.69
CA SER A 382 20.93 15.05 10.00
C SER A 382 21.29 13.56 9.98
N PHE A 383 20.38 12.75 9.45
CA PHE A 383 20.59 11.31 9.35
C PHE A 383 21.81 11.02 8.48
N ILE A 384 21.87 11.65 7.32
CA ILE A 384 22.99 11.44 6.41
C ILE A 384 24.30 11.87 7.05
N ASP A 385 24.32 13.04 7.66
CA ASP A 385 25.51 13.56 8.33
C ASP A 385 26.02 12.56 9.37
N LYS A 386 25.14 12.13 10.26
CA LYS A 386 25.51 11.19 11.29
C LYS A 386 25.95 9.85 10.71
N GLY A 387 25.29 9.43 9.63
CA GLY A 387 25.66 8.18 9.00
C GLY A 387 27.07 8.25 8.46
N GLN A 388 27.39 9.36 7.79
CA GLN A 388 28.72 9.55 7.21
C GLN A 388 29.76 9.63 8.32
N GLU A 389 29.38 10.18 9.46
CA GLU A 389 30.30 10.28 10.57
C GLU A 389 30.55 8.88 11.12
N LEU A 390 29.48 8.10 11.25
CA LEU A 390 29.60 6.73 11.76
C LEU A 390 30.49 5.87 10.87
N CYS A 391 30.36 6.06 9.55
CA CYS A 391 31.16 5.29 8.60
C CYS A 391 32.44 5.99 8.12
N ALA A 392 32.77 7.14 8.72
CA ALA A 392 33.95 7.90 8.32
C ALA A 392 35.26 7.11 8.27
N ASP A 393 36.04 7.36 7.22
CA ASP A 393 37.34 6.73 7.01
C ASP A 393 37.35 5.23 6.73
N TYR A 394 36.20 4.59 6.82
CA TYR A 394 36.14 3.15 6.59
C TYR A 394 36.40 2.71 5.16
N SER A 395 35.84 3.43 4.19
CA SER A 395 35.97 3.08 2.78
C SER A 395 37.34 3.36 2.15
N GLU A 396 37.92 4.51 2.49
CA GLU A 396 39.19 4.90 1.91
C GLU A 396 40.48 4.53 2.65
N ASN A 397 40.46 3.42 3.38
CA ASN A 397 41.63 2.98 4.13
C ASN A 397 41.58 1.49 4.42
N THR A 398 42.72 0.93 4.80
CA THR A 398 42.78 -0.48 5.17
C THR A 398 42.12 -0.51 6.55
N PHE A 399 41.76 -1.69 7.03
CA PHE A 399 41.11 -1.79 8.33
C PHE A 399 42.03 -1.31 9.45
N THR A 400 43.31 -1.66 9.37
CA THR A 400 44.27 -1.25 10.39
C THR A 400 44.50 0.26 10.35
N GLU A 401 44.53 0.84 9.16
CA GLU A 401 44.72 2.28 9.02
C GLU A 401 43.44 3.00 9.40
N TYR A 402 42.31 2.36 9.14
CA TYR A 402 41.01 2.94 9.47
C TYR A 402 40.93 3.06 10.99
N LYS A 403 41.32 1.99 11.67
CA LYS A 403 41.30 1.98 13.13
C LYS A 403 42.17 3.08 13.74
N LYS A 404 43.32 3.34 13.12
CA LYS A 404 44.22 4.38 13.61
C LYS A 404 43.58 5.77 13.48
N LYS A 405 42.98 6.04 12.32
CA LYS A 405 42.33 7.34 12.13
C LYS A 405 41.12 7.46 13.05
N LEU A 406 40.45 6.34 13.29
CA LEU A 406 39.30 6.32 14.16
C LEU A 406 39.73 6.69 15.58
N ALA A 407 40.83 6.10 16.04
CA ALA A 407 41.34 6.37 17.39
C ALA A 407 41.58 7.87 17.59
N GLU A 408 42.19 8.51 16.58
CA GLU A 408 42.46 9.94 16.65
C GLU A 408 41.17 10.74 16.73
N ARG A 409 40.18 10.36 15.94
CA ARG A 409 38.89 11.05 15.95
C ARG A 409 38.28 10.97 17.35
N LEU A 410 38.31 9.77 17.94
CA LEU A 410 37.76 9.57 19.27
C LEU A 410 38.51 10.35 20.35
N LYS A 411 39.83 10.46 20.20
CA LYS A 411 40.65 11.19 21.17
C LYS A 411 40.24 12.66 21.22
N ALA A 412 39.83 13.20 20.07
CA ALA A 412 39.41 14.59 20.00
C ALA A 412 38.14 14.83 20.80
N LYS A 413 37.27 13.83 20.81
CA LYS A 413 36.01 13.94 21.55
C LYS A 413 36.10 13.52 23.01
N LEU A 414 37.09 12.69 23.33
CA LEU A 414 37.24 12.21 24.70
C LEU A 414 38.64 12.46 25.26
N PRO A 415 38.93 13.72 25.62
CA PRO A 415 40.21 14.17 26.18
C PRO A 415 40.65 13.45 27.47
N ASP A 416 39.69 13.10 28.32
CA ASP A 416 40.00 12.44 29.58
C ASP A 416 39.89 10.91 29.57
N ALA A 417 39.50 10.34 28.43
CA ALA A 417 39.37 8.89 28.32
C ALA A 417 40.71 8.19 28.47
N THR A 418 40.69 7.04 29.14
CA THR A 418 41.90 6.23 29.35
C THR A 418 42.15 5.40 28.11
N PRO A 419 43.37 4.86 27.96
CA PRO A 419 43.67 4.04 26.78
C PRO A 419 42.69 2.87 26.69
N LYS A 420 42.34 2.32 27.84
CA LYS A 420 41.40 1.19 27.92
C LYS A 420 40.06 1.53 27.29
N GLU A 421 39.41 2.56 27.81
CA GLU A 421 38.11 2.94 27.28
C GLU A 421 38.15 3.38 25.82
N LEU A 422 39.28 3.95 25.40
CA LEU A 422 39.43 4.37 24.02
C LEU A 422 39.53 3.11 23.15
N ALA A 423 40.18 2.08 23.69
CA ALA A 423 40.35 0.82 22.97
C ALA A 423 38.98 0.16 22.75
N LYS A 424 38.15 0.16 23.77
CA LYS A 424 36.83 -0.45 23.66
C LYS A 424 35.95 0.27 22.64
N LEU A 425 36.01 1.60 22.61
CA LEU A 425 35.19 2.36 21.66
C LEU A 425 35.70 2.14 20.23
N VAL A 426 37.01 2.13 20.07
CA VAL A 426 37.59 1.89 18.75
C VAL A 426 37.13 0.51 18.27
N ASN A 427 37.12 -0.44 19.19
CA ASN A 427 36.71 -1.79 18.87
C ASN A 427 35.23 -1.85 18.49
N LYS A 428 34.37 -1.27 19.31
CA LYS A 428 32.93 -1.28 19.04
C LYS A 428 32.59 -0.58 17.72
N ARG A 429 33.18 0.60 17.51
CA ARG A 429 32.90 1.39 16.29
C ARG A 429 33.46 0.75 15.01
N SER A 430 34.68 0.24 15.06
CA SER A 430 35.25 -0.39 13.87
C SER A 430 34.47 -1.67 13.59
N ASP A 431 33.99 -2.31 14.64
CA ASP A 431 33.20 -3.53 14.45
C ASP A 431 31.89 -3.18 13.73
N PHE A 432 31.25 -2.09 14.14
CA PHE A 432 30.02 -1.65 13.48
C PHE A 432 30.29 -1.37 12.01
N ALA A 433 31.36 -0.61 11.75
CA ALA A 433 31.72 -0.24 10.39
C ALA A 433 31.99 -1.46 9.50
N SER A 434 32.63 -2.49 10.05
CA SER A 434 32.94 -3.68 9.27
C SER A 434 31.69 -4.45 8.85
N ASN A 435 30.56 -4.14 9.48
CA ASN A 435 29.30 -4.83 9.17
C ASN A 435 28.28 -3.96 8.43
N CYS A 436 28.26 -2.68 8.72
CA CYS A 436 27.25 -1.82 8.13
C CYS A 436 27.70 -0.62 7.30
N CYS A 437 28.91 -0.65 6.77
CA CYS A 437 29.37 0.48 5.98
C CYS A 437 29.78 0.10 4.56
N SER A 438 29.15 -0.94 4.01
CA SER A 438 29.47 -1.36 2.66
C SER A 438 28.17 -1.59 1.88
N ILE A 439 28.28 -1.73 0.56
CA ILE A 439 27.11 -1.89 -0.28
C ILE A 439 26.27 -3.15 -0.04
N ASN A 440 26.89 -4.23 0.42
CA ASN A 440 26.11 -5.44 0.70
C ASN A 440 25.99 -5.75 2.19
N SER A 441 25.99 -4.72 3.02
CA SER A 441 25.84 -4.94 4.46
C SER A 441 24.47 -5.60 4.68
N PRO A 442 24.37 -6.48 5.69
CA PRO A 442 23.15 -7.21 6.04
C PRO A 442 22.07 -6.27 6.62
N PRO A 443 20.93 -6.12 5.93
CA PRO A 443 19.81 -5.27 6.33
C PRO A 443 19.18 -5.49 7.70
N LEU A 444 18.91 -6.74 8.07
CA LEU A 444 18.29 -7.00 9.36
C LEU A 444 19.24 -6.72 10.52
N TYR A 445 20.48 -7.18 10.38
CA TYR A 445 21.47 -6.95 11.43
C TYR A 445 21.72 -5.45 11.63
N CYS A 446 21.98 -4.75 10.52
CA CYS A 446 22.27 -3.33 10.55
C CYS A 446 21.13 -2.40 10.94
N ASP A 447 19.90 -2.81 10.65
CA ASP A 447 18.76 -1.96 11.00
C ASP A 447 18.80 -1.58 12.48
N SER A 448 18.91 -2.58 13.33
CA SER A 448 18.95 -2.35 14.77
C SER A 448 20.26 -1.71 15.22
N GLU A 449 21.37 -2.08 14.59
CA GLU A 449 22.63 -1.49 15.00
C GLU A 449 22.71 0.00 14.66
N ILE A 450 22.11 0.37 13.52
CA ILE A 450 22.11 1.76 13.09
C ILE A 450 21.27 2.64 14.01
N ASP A 451 20.16 2.10 14.51
CA ASP A 451 19.32 2.89 15.42
C ASP A 451 20.14 3.27 16.64
N ALA A 452 20.77 2.27 17.24
CA ALA A 452 21.58 2.47 18.43
C ALA A 452 22.73 3.44 18.18
N GLU A 453 23.41 3.27 17.06
CA GLU A 453 24.54 4.14 16.73
C GLU A 453 24.11 5.57 16.43
N LEU A 454 22.99 5.73 15.75
CA LEU A 454 22.51 7.07 15.41
C LEU A 454 22.30 7.97 16.60
N LYS A 455 22.04 7.39 17.76
CA LYS A 455 21.84 8.21 18.96
C LYS A 455 23.12 8.32 19.77
N ASN A 456 24.18 7.66 19.29
CA ASN A 456 25.48 7.68 19.96
C ASN A 456 26.14 9.05 19.75
N ILE A 457 26.67 9.63 20.82
CA ILE A 457 27.30 10.95 20.75
C ILE A 457 28.71 10.92 20.13
N LEU A 458 29.30 9.74 20.05
CA LEU A 458 30.64 9.59 19.47
C LEU A 458 30.59 9.38 17.95
N ASP B 6 8.07 29.71 -1.95
CA ASP B 6 6.97 30.68 -1.73
C ASP B 6 6.12 30.85 -3.00
N TYR B 7 6.33 29.96 -3.95
CA TYR B 7 5.61 29.98 -5.23
C TYR B 7 4.13 30.32 -5.05
N GLU B 8 3.53 29.79 -3.98
CA GLU B 8 2.13 30.02 -3.71
C GLU B 8 1.83 31.51 -3.55
N LYS B 9 2.68 32.21 -2.81
CA LYS B 9 2.51 33.65 -2.58
C LYS B 9 2.44 34.39 -3.91
N ASN B 10 3.25 33.95 -4.87
CA ASN B 10 3.28 34.57 -6.19
C ASN B 10 1.97 34.33 -6.94
N LYS B 11 1.49 33.09 -6.89
CA LYS B 11 0.25 32.73 -7.56
C LYS B 11 -0.87 33.61 -7.02
N VAL B 12 -0.84 33.86 -5.72
CA VAL B 12 -1.85 34.69 -5.07
C VAL B 12 -1.70 36.16 -5.47
N CYS B 13 -0.57 36.74 -5.10
CA CYS B 13 -0.29 38.15 -5.41
C CYS B 13 -0.60 38.53 -6.85
N LYS B 14 -0.34 37.62 -7.78
CA LYS B 14 -0.59 37.89 -9.18
C LYS B 14 -2.09 37.92 -9.50
N GLU B 15 -2.83 36.95 -8.98
CA GLU B 15 -4.26 36.88 -9.21
C GLU B 15 -4.95 38.07 -8.55
N PHE B 16 -4.41 38.51 -7.42
CA PHE B 16 -5.00 39.64 -6.69
C PHE B 16 -5.01 40.87 -7.59
N SER B 17 -3.83 41.24 -8.09
CA SER B 17 -3.71 42.41 -8.95
C SER B 17 -4.26 42.13 -10.36
N HIS B 18 -4.56 40.87 -10.64
CA HIS B 18 -5.08 40.48 -11.93
C HIS B 18 -6.61 40.44 -11.93
N LEU B 19 -7.18 39.96 -10.83
CA LEU B 19 -8.62 39.85 -10.69
C LEU B 19 -9.24 41.08 -10.04
N GLY B 20 -8.45 41.78 -9.24
CA GLY B 20 -8.97 42.96 -8.57
C GLY B 20 -9.43 42.55 -7.18
N LYS B 21 -9.45 43.48 -6.24
CA LYS B 21 -9.85 43.16 -4.88
C LYS B 21 -11.24 42.55 -4.76
N GLU B 22 -12.21 43.10 -5.48
CA GLU B 22 -13.57 42.58 -5.40
C GLU B 22 -13.72 41.17 -5.96
N ASP B 23 -13.19 40.94 -7.17
CA ASP B 23 -13.29 39.62 -7.77
C ASP B 23 -12.42 38.62 -7.01
N PHE B 24 -11.27 39.09 -6.50
CA PHE B 24 -10.39 38.22 -5.75
C PHE B 24 -11.11 37.77 -4.48
N THR B 25 -11.92 38.68 -3.93
CA THR B 25 -12.67 38.39 -2.72
C THR B 25 -13.80 37.41 -3.03
N SER B 26 -14.35 37.52 -4.23
CA SER B 26 -15.44 36.63 -4.63
C SER B 26 -14.85 35.22 -4.83
N LEU B 27 -13.75 35.15 -5.56
CA LEU B 27 -13.09 33.88 -5.79
C LEU B 27 -12.73 33.23 -4.46
N SER B 28 -12.23 34.05 -3.52
CA SER B 28 -11.86 33.54 -2.22
C SER B 28 -13.07 33.02 -1.44
N LEU B 29 -14.19 33.74 -1.54
CA LEU B 29 -15.41 33.34 -0.84
C LEU B 29 -15.84 31.95 -1.30
N VAL B 30 -15.81 31.72 -2.60
CA VAL B 30 -16.18 30.42 -3.17
C VAL B 30 -15.19 29.36 -2.71
N LEU B 31 -13.92 29.72 -2.75
CA LEU B 31 -12.81 28.84 -2.39
C LEU B 31 -12.92 28.32 -0.95
N TYR B 32 -13.05 29.23 0.00
CA TYR B 32 -13.13 28.81 1.40
C TYR B 32 -14.47 28.22 1.80
N SER B 33 -15.51 28.49 1.01
CA SER B 33 -16.82 27.95 1.32
C SER B 33 -16.78 26.45 1.08
N ARG B 34 -16.15 26.03 -0.02
CA ARG B 34 -16.06 24.59 -0.28
C ARG B 34 -15.04 23.93 0.62
N LYS B 35 -14.14 24.71 1.22
CA LYS B 35 -13.15 24.15 2.14
C LYS B 35 -13.76 23.94 3.52
N PHE B 36 -14.72 24.80 3.87
CA PHE B 36 -15.41 24.71 5.16
C PHE B 36 -16.91 24.54 4.94
N PRO B 37 -17.33 23.38 4.40
CA PRO B 37 -18.75 23.13 4.15
C PRO B 37 -19.67 23.31 5.35
N SER B 38 -19.16 23.13 6.55
CA SER B 38 -19.97 23.31 7.75
C SER B 38 -19.87 24.72 8.34
N GLY B 39 -19.01 25.54 7.75
CA GLY B 39 -18.85 26.89 8.25
C GLY B 39 -20.08 27.76 8.02
N THR B 40 -20.40 28.60 9.00
CA THR B 40 -21.56 29.48 8.88
C THR B 40 -21.21 30.61 7.91
N PHE B 41 -22.23 31.31 7.44
CA PHE B 41 -22.02 32.42 6.52
C PHE B 41 -21.10 33.48 7.15
N GLU B 42 -21.35 33.78 8.41
CA GLU B 42 -20.56 34.78 9.13
C GLU B 42 -19.08 34.39 9.29
N GLN B 43 -18.83 33.16 9.73
CA GLN B 43 -17.46 32.69 9.92
C GLN B 43 -16.67 32.76 8.62
N VAL B 44 -17.22 32.18 7.56
CA VAL B 44 -16.54 32.17 6.28
C VAL B 44 -16.30 33.58 5.76
N SER B 45 -17.30 34.45 5.91
CA SER B 45 -17.18 35.83 5.46
C SER B 45 -16.03 36.54 6.20
N GLN B 46 -15.87 36.21 7.48
CA GLN B 46 -14.82 36.80 8.28
C GLN B 46 -13.44 36.36 7.81
N LEU B 47 -13.24 35.05 7.76
CA LEU B 47 -11.96 34.50 7.31
C LEU B 47 -11.57 35.10 5.97
N VAL B 48 -12.47 35.02 4.99
CA VAL B 48 -12.18 35.56 3.66
C VAL B 48 -11.81 37.03 3.79
N LYS B 49 -12.55 37.76 4.62
CA LYS B 49 -12.30 39.18 4.83
C LYS B 49 -10.83 39.38 5.19
N GLU B 50 -10.38 38.72 6.24
CA GLU B 50 -9.02 38.84 6.70
C GLU B 50 -8.00 38.18 5.79
N VAL B 51 -8.37 37.08 5.15
CA VAL B 51 -7.44 36.42 4.23
C VAL B 51 -7.07 37.40 3.13
N VAL B 52 -8.08 38.12 2.63
CA VAL B 52 -7.86 39.11 1.57
C VAL B 52 -6.97 40.22 2.12
N SER B 53 -7.25 40.65 3.35
CA SER B 53 -6.48 41.72 4.00
C SER B 53 -4.98 41.45 3.89
N LEU B 54 -4.61 40.18 4.03
CA LEU B 54 -3.20 39.79 3.94
C LEU B 54 -2.70 40.02 2.53
N THR B 55 -3.21 39.23 1.59
CA THR B 55 -2.82 39.33 0.18
C THR B 55 -2.61 40.77 -0.26
N GLU B 56 -3.64 41.60 -0.08
CA GLU B 56 -3.56 43.00 -0.49
C GLU B 56 -2.31 43.71 0.02
N ALA B 57 -2.34 44.14 1.27
CA ALA B 57 -1.22 44.85 1.88
C ALA B 57 0.11 44.12 1.74
N CYS B 58 0.08 42.81 1.55
CA CYS B 58 1.30 42.02 1.43
C CYS B 58 1.65 41.61 0.01
N CYS B 59 1.24 42.43 -0.96
CA CYS B 59 1.54 42.19 -2.36
C CYS B 59 1.93 43.54 -2.96
N ALA B 60 1.85 44.58 -2.15
CA ALA B 60 2.19 45.94 -2.58
C ALA B 60 3.71 46.07 -2.66
N GLU B 61 4.17 47.28 -3.00
CA GLU B 61 5.60 47.54 -3.12
C GLU B 61 6.38 47.23 -1.85
N GLY B 62 7.53 46.57 -2.04
CA GLY B 62 8.41 46.20 -0.94
C GLY B 62 7.82 46.19 0.47
N ALA B 63 7.42 45.00 0.92
CA ALA B 63 6.85 44.84 2.25
C ALA B 63 7.60 43.70 2.95
N ASP B 64 7.52 43.68 4.28
CA ASP B 64 8.19 42.65 5.07
C ASP B 64 8.06 41.29 4.39
N PRO B 65 9.15 40.79 3.79
CA PRO B 65 9.21 39.51 3.08
C PRO B 65 8.72 38.29 3.86
N ASP B 66 8.35 38.51 5.12
CA ASP B 66 7.87 37.41 5.97
C ASP B 66 6.38 37.50 6.28
N CYS B 67 5.66 38.40 5.61
CA CYS B 67 4.23 38.55 5.87
C CYS B 67 3.38 37.32 5.56
N TYR B 68 3.34 36.93 4.28
CA TYR B 68 2.54 35.76 3.88
C TYR B 68 3.00 34.49 4.58
N ASP B 69 3.75 34.68 5.67
CA ASP B 69 4.26 33.58 6.47
C ASP B 69 4.09 33.97 7.94
N THR B 70 3.93 35.27 8.18
CA THR B 70 3.75 35.81 9.52
C THR B 70 2.27 36.11 9.77
N ARG B 71 1.70 36.95 8.91
CA ARG B 71 0.29 37.31 9.04
C ARG B 71 -0.60 36.09 8.83
N THR B 72 -0.20 35.21 7.91
CA THR B 72 -0.97 34.00 7.67
C THR B 72 -0.86 33.14 8.91
N SER B 73 0.29 33.21 9.56
CA SER B 73 0.55 32.46 10.79
C SER B 73 -0.30 33.07 11.91
N ALA B 74 -0.65 34.34 11.75
CA ALA B 74 -1.48 35.04 12.74
C ALA B 74 -2.92 34.54 12.64
N LEU B 75 -3.32 34.14 11.44
CA LEU B 75 -4.67 33.63 11.21
C LEU B 75 -4.83 32.29 11.91
N SER B 76 -3.93 31.36 11.59
CA SER B 76 -3.94 30.04 12.20
C SER B 76 -4.03 30.21 13.70
N ALA B 77 -3.24 31.15 14.21
CA ALA B 77 -3.23 31.45 15.63
C ALA B 77 -4.62 31.88 16.10
N LYS B 78 -5.23 32.79 15.33
CA LYS B 78 -6.55 33.28 15.68
C LYS B 78 -7.59 32.17 15.55
N SER B 79 -7.35 31.25 14.64
CA SER B 79 -8.28 30.14 14.43
C SER B 79 -8.30 29.18 15.60
N CYS B 80 -7.46 29.45 16.60
CA CYS B 80 -7.38 28.59 17.78
C CYS B 80 -8.10 29.10 19.01
N GLU B 81 -8.35 30.40 19.06
CA GLU B 81 -9.03 31.01 20.20
C GLU B 81 -10.30 30.23 20.52
N SER B 82 -10.77 30.35 21.76
CA SER B 82 -11.98 29.67 22.19
C SER B 82 -13.14 29.95 21.24
N ASN B 83 -13.69 31.17 21.34
CA ASN B 83 -14.80 31.58 20.49
C ASN B 83 -14.27 32.20 19.19
N SER B 84 -13.53 31.40 18.43
CA SER B 84 -12.96 31.87 17.18
C SER B 84 -14.04 32.27 16.18
N PRO B 85 -13.88 33.45 15.56
CA PRO B 85 -14.84 33.95 14.57
C PRO B 85 -14.68 33.23 13.24
N PHE B 86 -13.59 32.48 13.14
CA PHE B 86 -13.29 31.72 11.93
C PHE B 86 -13.85 30.31 11.96
N PRO B 87 -14.10 29.72 10.79
CA PRO B 87 -14.63 28.36 10.74
C PRO B 87 -13.43 27.43 10.90
N VAL B 88 -13.62 26.30 11.59
CA VAL B 88 -12.51 25.38 11.78
C VAL B 88 -12.86 23.97 11.36
N HIS B 89 -11.87 23.26 10.83
CA HIS B 89 -12.04 21.88 10.40
C HIS B 89 -12.12 21.00 11.64
N PRO B 90 -12.74 19.82 11.52
CA PRO B 90 -12.82 18.95 12.69
C PRO B 90 -11.39 18.53 13.04
N GLY B 91 -11.04 18.62 14.32
CA GLY B 91 -9.69 18.23 14.72
C GLY B 91 -8.75 19.40 14.87
N THR B 92 -9.29 20.61 14.76
CA THR B 92 -8.48 21.82 14.91
C THR B 92 -8.11 22.00 16.38
N ALA B 93 -9.10 21.88 17.25
CA ALA B 93 -8.89 22.03 18.69
C ALA B 93 -7.76 21.11 19.16
N GLU B 94 -7.53 20.02 18.44
CA GLU B 94 -6.48 19.08 18.78
C GLU B 94 -5.14 19.61 18.29
N CYS B 95 -5.15 20.21 17.11
CA CYS B 95 -3.94 20.77 16.53
C CYS B 95 -3.43 21.98 17.30
N CYS B 96 -4.35 22.73 17.89
CA CYS B 96 -3.99 23.92 18.64
C CYS B 96 -3.19 23.62 19.92
N THR B 97 -3.38 22.43 20.47
CA THR B 97 -2.66 22.07 21.69
C THR B 97 -1.19 21.88 21.36
N LYS B 98 -0.89 21.69 20.08
CA LYS B 98 0.48 21.49 19.62
C LYS B 98 0.94 22.72 18.86
N GLU B 99 1.79 23.53 19.49
CA GLU B 99 2.29 24.77 18.88
C GLU B 99 3.46 24.54 17.94
N GLY B 100 4.12 25.63 17.55
CA GLY B 100 5.26 25.55 16.65
C GLY B 100 4.85 25.05 15.28
N LEU B 101 5.83 24.60 14.48
CA LEU B 101 5.53 24.09 13.16
C LEU B 101 4.64 22.85 13.28
N GLU B 102 4.51 22.34 14.50
CA GLU B 102 3.67 21.17 14.76
C GLU B 102 2.23 21.55 14.43
N ARG B 103 1.86 22.79 14.77
CA ARG B 103 0.53 23.31 14.51
C ARG B 103 0.36 23.56 13.02
N LYS B 104 1.31 24.28 12.44
CA LYS B 104 1.27 24.61 11.02
C LYS B 104 1.36 23.35 10.15
N LEU B 105 1.50 22.20 10.81
CA LEU B 105 1.59 20.92 10.13
C LEU B 105 0.31 20.15 10.43
N CYS B 106 0.08 19.90 11.71
CA CYS B 106 -1.09 19.18 12.18
C CYS B 106 -2.37 19.66 11.50
N MET B 107 -2.46 20.97 11.29
CA MET B 107 -3.65 21.54 10.66
C MET B 107 -3.62 21.40 9.15
N ALA B 108 -2.42 21.39 8.57
CA ALA B 108 -2.27 21.24 7.14
C ALA B 108 -2.68 19.83 6.72
N ALA B 109 -2.54 18.89 7.65
CA ALA B 109 -2.87 17.49 7.41
C ALA B 109 -4.36 17.23 7.60
N LEU B 110 -5.05 18.16 8.27
CA LEU B 110 -6.48 18.01 8.52
C LEU B 110 -7.23 17.73 7.22
N LYS B 111 -7.99 16.64 7.21
CA LYS B 111 -8.74 16.26 6.02
C LYS B 111 -9.97 17.11 5.78
N HIS B 112 -10.65 16.81 4.68
CA HIS B 112 -11.84 17.55 4.28
C HIS B 112 -13.11 16.70 4.31
N GLN B 113 -14.07 17.07 5.16
CA GLN B 113 -15.32 16.34 5.28
C GLN B 113 -16.40 16.97 4.39
N PRO B 114 -16.80 16.28 3.31
CA PRO B 114 -17.81 16.74 2.36
C PRO B 114 -19.23 16.79 2.94
N GLN B 115 -20.12 17.49 2.26
CA GLN B 115 -21.51 17.61 2.67
C GLN B 115 -22.30 16.63 1.80
N GLU B 116 -22.77 15.53 2.38
CA GLU B 116 -23.52 14.54 1.63
C GLU B 116 -25.02 14.82 1.64
N PHE B 117 -25.46 15.78 2.44
CA PHE B 117 -26.89 16.12 2.51
C PHE B 117 -27.11 17.60 2.24
N PRO B 118 -27.08 18.02 0.96
CA PRO B 118 -27.29 19.42 0.62
C PRO B 118 -28.69 19.93 0.96
N THR B 119 -28.78 21.18 1.39
CA THR B 119 -30.07 21.76 1.74
C THR B 119 -30.33 23.08 1.02
N TYR B 120 -29.62 23.30 -0.07
CA TYR B 120 -29.80 24.52 -0.86
C TYR B 120 -31.15 24.53 -1.56
N VAL B 121 -31.88 25.62 -1.43
CA VAL B 121 -33.18 25.77 -2.09
C VAL B 121 -33.24 27.18 -2.68
N GLU B 122 -33.51 27.27 -3.98
CA GLU B 122 -33.56 28.57 -4.63
C GLU B 122 -34.80 29.36 -4.23
N PRO B 123 -34.64 30.64 -3.87
CA PRO B 123 -35.78 31.47 -3.47
C PRO B 123 -36.67 31.77 -4.67
N THR B 124 -37.84 32.36 -4.43
CA THR B 124 -38.75 32.71 -5.52
C THR B 124 -38.16 33.89 -6.25
N ASN B 125 -38.68 34.23 -7.43
CA ASN B 125 -38.15 35.36 -8.19
C ASN B 125 -38.28 36.67 -7.43
N ASP B 126 -39.42 36.88 -6.76
CA ASP B 126 -39.58 38.13 -6.03
C ASP B 126 -38.61 38.19 -4.87
N GLU B 127 -38.43 37.07 -4.17
CA GLU B 127 -37.51 37.05 -3.03
C GLU B 127 -36.11 37.41 -3.50
N ILE B 128 -35.74 36.91 -4.67
CA ILE B 128 -34.42 37.18 -5.24
C ILE B 128 -34.25 38.63 -5.65
N CYS B 129 -35.19 39.15 -6.42
CA CYS B 129 -35.08 40.52 -6.87
C CYS B 129 -35.18 41.55 -5.74
N GLU B 130 -36.04 41.32 -4.76
CA GLU B 130 -36.14 42.28 -3.66
C GLU B 130 -34.82 42.29 -2.91
N ALA B 131 -34.31 41.11 -2.56
CA ALA B 131 -33.04 41.04 -1.84
C ALA B 131 -31.92 41.65 -2.69
N PHE B 132 -31.93 41.37 -3.98
CA PHE B 132 -30.89 41.91 -4.87
C PHE B 132 -30.95 43.43 -4.98
N ARG B 133 -32.17 43.98 -4.92
CA ARG B 133 -32.34 45.43 -5.01
C ARG B 133 -31.83 46.11 -3.73
N LYS B 134 -32.26 45.59 -2.58
CA LYS B 134 -31.90 46.17 -1.28
C LYS B 134 -30.44 46.02 -0.87
N ASP B 135 -29.85 44.87 -1.15
CA ASP B 135 -28.47 44.62 -0.76
C ASP B 135 -27.86 43.58 -1.72
N PRO B 136 -27.46 44.02 -2.93
CA PRO B 136 -26.89 43.16 -3.95
C PRO B 136 -25.59 42.44 -3.54
N LYS B 137 -24.75 43.12 -2.75
CA LYS B 137 -23.50 42.52 -2.31
C LYS B 137 -23.73 41.34 -1.38
N GLU B 138 -24.57 41.52 -0.37
CA GLU B 138 -24.83 40.43 0.57
C GLU B 138 -25.67 39.34 -0.09
N TYR B 139 -26.52 39.72 -1.04
CA TYR B 139 -27.31 38.74 -1.74
C TYR B 139 -26.36 37.80 -2.49
N ALA B 140 -25.45 38.41 -3.25
CA ALA B 140 -24.46 37.69 -4.03
C ALA B 140 -23.52 36.87 -3.14
N ASN B 141 -23.09 37.47 -2.03
CA ASN B 141 -22.19 36.78 -1.12
C ASN B 141 -22.85 35.58 -0.46
N GLN B 142 -24.07 35.77 0.02
CA GLN B 142 -24.81 34.69 0.68
C GLN B 142 -25.08 33.57 -0.30
N PHE B 143 -25.30 33.92 -1.57
CA PHE B 143 -25.55 32.92 -2.59
C PHE B 143 -24.27 32.11 -2.84
N MET B 144 -23.16 32.79 -3.08
CA MET B 144 -21.89 32.10 -3.34
C MET B 144 -21.52 31.17 -2.19
N TRP B 145 -21.78 31.62 -0.96
CA TRP B 145 -21.47 30.82 0.22
C TRP B 145 -22.38 29.60 0.34
N GLU B 146 -23.69 29.81 0.28
CA GLU B 146 -24.60 28.67 0.41
C GLU B 146 -24.44 27.67 -0.74
N TYR B 147 -24.30 28.17 -1.96
CA TYR B 147 -24.15 27.27 -3.10
C TYR B 147 -22.84 26.48 -3.00
N SER B 148 -21.74 27.16 -2.69
CA SER B 148 -20.46 26.51 -2.61
C SER B 148 -20.27 25.57 -1.42
N THR B 149 -20.88 25.87 -0.28
CA THR B 149 -20.78 24.99 0.88
C THR B 149 -21.59 23.74 0.59
N ASN B 150 -22.70 23.89 -0.10
CA ASN B 150 -23.57 22.76 -0.41
C ASN B 150 -23.05 21.87 -1.54
N TYR B 151 -22.45 22.46 -2.56
CA TYR B 151 -21.95 21.69 -3.70
C TYR B 151 -20.45 21.89 -3.84
N GLY B 152 -19.78 21.97 -2.70
CA GLY B 152 -18.36 22.20 -2.66
C GLY B 152 -17.43 21.17 -3.29
N GLN B 153 -17.94 19.99 -3.63
CA GLN B 153 -17.11 18.95 -4.25
C GLN B 153 -17.10 19.03 -5.77
N ALA B 154 -17.86 19.96 -6.33
CA ALA B 154 -17.81 20.13 -7.77
C ALA B 154 -16.48 20.84 -8.00
N PRO B 155 -15.85 20.70 -9.19
CA PRO B 155 -14.59 21.37 -9.46
C PRO B 155 -14.76 22.87 -9.23
N LEU B 156 -13.73 23.53 -8.72
CA LEU B 156 -13.78 24.97 -8.46
C LEU B 156 -14.15 25.70 -9.75
N SER B 157 -13.56 25.28 -10.86
CA SER B 157 -13.82 25.90 -12.15
C SER B 157 -15.32 25.99 -12.43
N LEU B 158 -16.04 24.89 -12.18
CA LEU B 158 -17.49 24.86 -12.41
C LEU B 158 -18.27 25.73 -11.43
N LEU B 159 -17.86 25.73 -10.16
CA LEU B 159 -18.55 26.54 -9.15
C LEU B 159 -18.38 28.01 -9.48
N VAL B 160 -17.19 28.38 -9.95
CA VAL B 160 -16.92 29.76 -10.28
C VAL B 160 -17.73 30.20 -11.49
N SER B 161 -17.74 29.40 -12.55
CA SER B 161 -18.48 29.78 -13.75
C SER B 161 -20.00 29.78 -13.52
N TYR B 162 -20.50 28.80 -12.77
CA TYR B 162 -21.93 28.76 -12.52
C TYR B 162 -22.39 29.93 -11.64
N THR B 163 -21.71 30.17 -10.52
CA THR B 163 -22.12 31.26 -9.64
C THR B 163 -22.00 32.61 -10.36
N LYS B 164 -20.98 32.76 -11.19
CA LYS B 164 -20.81 34.00 -11.93
C LYS B 164 -21.96 34.13 -12.94
N SER B 165 -22.30 33.03 -13.61
CA SER B 165 -23.39 33.05 -14.58
C SER B 165 -24.73 33.26 -13.88
N TYR B 166 -24.94 32.62 -12.74
CA TYR B 166 -26.19 32.75 -12.00
C TYR B 166 -26.41 34.20 -11.58
N LEU B 167 -25.39 34.80 -10.98
CA LEU B 167 -25.47 36.19 -10.51
C LEU B 167 -25.67 37.16 -11.67
N SER B 168 -25.09 36.83 -12.82
CA SER B 168 -25.25 37.67 -14.00
C SER B 168 -26.70 37.58 -14.48
N MET B 169 -27.31 36.40 -14.33
CA MET B 169 -28.71 36.20 -14.73
C MET B 169 -29.61 37.04 -13.81
N VAL B 170 -29.31 37.02 -12.51
CA VAL B 170 -30.09 37.77 -11.54
C VAL B 170 -30.04 39.26 -11.84
N GLY B 171 -28.84 39.75 -12.13
CA GLY B 171 -28.66 41.15 -12.43
C GLY B 171 -29.39 41.64 -13.67
N SER B 172 -29.36 40.86 -14.75
CA SER B 172 -30.02 41.29 -15.98
C SER B 172 -31.52 41.08 -15.93
N CYS B 173 -31.96 39.99 -15.31
CA CYS B 173 -33.38 39.69 -15.22
C CYS B 173 -34.18 40.57 -14.26
N CYS B 174 -33.64 40.84 -13.08
CA CYS B 174 -34.38 41.63 -12.11
C CYS B 174 -34.70 43.04 -12.57
N THR B 175 -33.95 43.54 -13.54
CA THR B 175 -34.16 44.89 -14.06
C THR B 175 -34.62 44.89 -15.52
N SER B 176 -35.03 43.73 -16.01
CA SER B 176 -35.48 43.61 -17.39
C SER B 176 -36.92 44.09 -17.57
N ALA B 177 -37.38 44.11 -18.82
CA ALA B 177 -38.74 44.53 -19.17
C ALA B 177 -39.73 43.72 -18.34
N SER B 178 -39.57 42.40 -18.33
CA SER B 178 -40.42 41.51 -17.54
C SER B 178 -39.55 40.44 -16.92
N PRO B 179 -39.22 40.59 -15.63
CA PRO B 179 -38.37 39.65 -14.91
C PRO B 179 -38.82 38.20 -15.03
N THR B 180 -40.14 37.98 -14.96
CA THR B 180 -40.69 36.64 -15.03
C THR B 180 -40.26 35.92 -16.31
N VAL B 181 -40.47 36.57 -17.45
CA VAL B 181 -40.11 35.99 -18.73
C VAL B 181 -38.60 35.80 -18.84
N CYS B 182 -37.83 36.77 -18.37
CA CYS B 182 -36.38 36.71 -18.42
C CYS B 182 -35.83 35.54 -17.62
N PHE B 183 -36.29 35.39 -16.38
CA PHE B 183 -35.84 34.29 -15.54
C PHE B 183 -36.18 32.96 -16.20
N LEU B 184 -37.34 32.89 -16.82
CA LEU B 184 -37.76 31.66 -17.49
C LEU B 184 -36.78 31.26 -18.58
N LYS B 185 -36.47 32.18 -19.48
CA LYS B 185 -35.55 31.88 -20.58
C LYS B 185 -34.11 31.70 -20.12
N GLU B 186 -33.62 32.59 -19.25
CA GLU B 186 -32.24 32.49 -18.79
C GLU B 186 -31.97 31.24 -17.95
N ARG B 187 -32.95 30.79 -17.19
CA ARG B 187 -32.75 29.59 -16.40
C ARG B 187 -32.64 28.37 -17.35
N LEU B 188 -33.30 28.46 -18.51
CA LEU B 188 -33.23 27.38 -19.49
C LEU B 188 -31.83 27.27 -20.08
N GLN B 189 -31.23 28.40 -20.43
CA GLN B 189 -29.90 28.35 -20.99
C GLN B 189 -28.83 28.05 -19.95
N LEU B 190 -29.20 28.15 -18.68
CA LEU B 190 -28.26 27.88 -17.59
C LEU B 190 -28.45 26.46 -17.07
N LYS B 191 -29.53 25.82 -17.49
CA LYS B 191 -29.87 24.47 -17.05
C LYS B 191 -28.74 23.47 -17.20
N HIS B 192 -28.08 23.48 -18.36
CA HIS B 192 -26.97 22.56 -18.59
C HIS B 192 -25.89 22.73 -17.53
N LEU B 193 -25.44 23.97 -17.33
CA LEU B 193 -24.39 24.24 -16.36
C LEU B 193 -24.84 23.90 -14.93
N SER B 194 -26.10 24.21 -14.61
CA SER B 194 -26.65 23.91 -13.29
C SER B 194 -26.54 22.41 -12.97
N LEU B 195 -27.06 21.58 -13.86
CA LEU B 195 -27.01 20.13 -13.69
C LEU B 195 -25.59 19.59 -13.62
N LEU B 196 -24.72 20.10 -14.49
CA LEU B 196 -23.34 19.65 -14.51
C LEU B 196 -22.69 19.94 -13.17
N THR B 197 -23.01 21.09 -12.57
CA THR B 197 -22.42 21.44 -11.30
C THR B 197 -22.92 20.57 -10.15
N THR B 198 -24.22 20.29 -10.07
CA THR B 198 -24.72 19.47 -8.97
C THR B 198 -24.37 17.99 -9.21
N LEU B 199 -24.41 17.57 -10.46
CA LEU B 199 -24.06 16.19 -10.77
C LEU B 199 -22.57 15.99 -10.41
N SER B 200 -21.73 16.93 -10.82
CA SER B 200 -20.29 16.84 -10.52
C SER B 200 -20.02 16.77 -9.01
N ASN B 201 -20.74 17.57 -8.24
CA ASN B 201 -20.55 17.55 -6.80
C ASN B 201 -20.84 16.17 -6.26
N ARG B 202 -21.90 15.54 -6.78
CA ARG B 202 -22.28 14.22 -6.30
C ARG B 202 -21.28 13.12 -6.66
N VAL B 203 -20.94 12.99 -7.93
CA VAL B 203 -19.99 11.94 -8.31
C VAL B 203 -18.57 12.21 -7.80
N CYS B 204 -18.19 13.47 -7.68
CA CYS B 204 -16.86 13.77 -7.17
C CYS B 204 -16.78 13.62 -5.65
N SER B 205 -17.90 13.78 -4.95
CA SER B 205 -17.85 13.61 -3.50
C SER B 205 -17.67 12.12 -3.20
N GLN B 206 -18.33 11.27 -3.96
CA GLN B 206 -18.20 9.83 -3.78
C GLN B 206 -16.76 9.42 -4.12
N TYR B 207 -16.23 9.96 -5.22
CA TYR B 207 -14.87 9.66 -5.65
C TYR B 207 -13.84 10.03 -4.57
N ALA B 208 -14.02 11.21 -3.98
CA ALA B 208 -13.11 11.69 -2.94
C ALA B 208 -13.26 10.91 -1.64
N ALA B 209 -14.48 10.45 -1.36
CA ALA B 209 -14.74 9.69 -0.15
C ALA B 209 -14.08 8.31 -0.21
N TYR B 210 -14.06 7.73 -1.41
CA TYR B 210 -13.51 6.40 -1.62
C TYR B 210 -12.05 6.33 -2.07
N GLY B 211 -11.62 7.33 -2.85
CA GLY B 211 -10.27 7.27 -3.38
C GLY B 211 -10.49 6.55 -4.69
N GLU B 212 -9.56 6.69 -5.62
CA GLU B 212 -9.68 6.09 -6.94
C GLU B 212 -9.96 4.59 -7.07
N LYS B 213 -9.15 3.77 -6.40
CA LYS B 213 -9.31 2.32 -6.50
C LYS B 213 -10.67 1.84 -6.01
N LYS B 214 -11.10 2.33 -4.86
CA LYS B 214 -12.38 1.92 -4.28
C LYS B 214 -13.56 2.50 -5.08
N SER B 215 -13.39 3.69 -5.65
CA SER B 215 -14.43 4.32 -6.44
C SER B 215 -14.63 3.50 -7.70
N ARG B 216 -13.53 3.10 -8.32
CA ARG B 216 -13.59 2.29 -9.53
C ARG B 216 -14.39 1.04 -9.24
N LEU B 217 -14.08 0.38 -8.14
CA LEU B 217 -14.78 -0.85 -7.77
C LEU B 217 -16.26 -0.56 -7.44
N SER B 218 -16.52 0.55 -6.77
CA SER B 218 -17.89 0.94 -6.42
C SER B 218 -18.74 1.09 -7.69
N ASN B 219 -18.20 1.78 -8.69
CA ASN B 219 -18.96 1.97 -9.91
C ASN B 219 -19.18 0.67 -10.68
N LEU B 220 -18.25 -0.28 -10.55
CA LEU B 220 -18.41 -1.58 -11.19
C LEU B 220 -19.57 -2.30 -10.50
N ILE B 221 -19.59 -2.25 -9.17
CA ILE B 221 -20.63 -2.89 -8.38
C ILE B 221 -22.00 -2.34 -8.76
N LYS B 222 -22.12 -1.01 -8.78
CA LYS B 222 -23.38 -0.36 -9.11
C LYS B 222 -23.88 -0.70 -10.52
N LEU B 223 -22.98 -0.68 -11.50
CA LEU B 223 -23.38 -1.03 -12.87
C LEU B 223 -23.86 -2.47 -12.91
N ALA B 224 -23.16 -3.37 -12.20
CA ALA B 224 -23.54 -4.77 -12.17
C ALA B 224 -24.94 -4.94 -11.59
N GLN B 225 -25.22 -4.17 -10.54
CA GLN B 225 -26.54 -4.23 -9.90
C GLN B 225 -27.65 -3.65 -10.77
N LYS B 226 -27.33 -2.69 -11.63
CA LYS B 226 -28.33 -2.08 -12.50
C LYS B 226 -28.64 -2.90 -13.75
N VAL B 227 -27.70 -3.75 -14.16
CA VAL B 227 -27.89 -4.57 -15.34
C VAL B 227 -27.21 -5.91 -15.11
N PRO B 228 -27.76 -6.73 -14.20
CA PRO B 228 -27.23 -8.04 -13.85
C PRO B 228 -27.16 -9.06 -14.98
N THR B 229 -27.79 -8.75 -16.12
CA THR B 229 -27.78 -9.67 -17.26
C THR B 229 -26.58 -9.41 -18.18
N ALA B 230 -25.92 -8.27 -17.98
CA ALA B 230 -24.75 -7.93 -18.78
C ALA B 230 -23.57 -8.81 -18.42
N ASP B 231 -22.55 -8.82 -19.26
CA ASP B 231 -21.34 -9.60 -19.01
C ASP B 231 -20.30 -8.64 -18.45
N LEU B 232 -19.23 -9.18 -17.91
CA LEU B 232 -18.19 -8.34 -17.35
C LEU B 232 -17.65 -7.37 -18.39
N GLU B 233 -17.52 -7.84 -19.63
CA GLU B 233 -17.00 -7.03 -20.72
C GLU B 233 -17.89 -5.85 -21.08
N ASP B 234 -19.16 -5.93 -20.74
CA ASP B 234 -20.10 -4.85 -21.01
C ASP B 234 -19.96 -3.69 -20.02
N VAL B 235 -19.74 -4.01 -18.74
CA VAL B 235 -19.65 -3.00 -17.69
C VAL B 235 -18.27 -2.56 -17.24
N LEU B 236 -17.30 -3.47 -17.24
CA LEU B 236 -15.97 -3.10 -16.80
C LEU B 236 -15.43 -1.85 -17.53
N PRO B 237 -15.51 -1.82 -18.87
CA PRO B 237 -15.01 -0.64 -19.59
C PRO B 237 -15.70 0.66 -19.13
N LEU B 238 -16.98 0.57 -18.77
CA LEU B 238 -17.73 1.74 -18.31
C LEU B 238 -17.24 2.21 -16.93
N ALA B 239 -16.97 1.27 -16.04
CA ALA B 239 -16.47 1.60 -14.70
C ALA B 239 -15.10 2.24 -14.86
N GLU B 240 -14.29 1.69 -15.78
CA GLU B 240 -12.96 2.24 -16.04
C GLU B 240 -13.08 3.66 -16.57
N ASP B 241 -13.96 3.84 -17.55
CA ASP B 241 -14.14 5.16 -18.18
C ASP B 241 -14.60 6.24 -17.21
N ILE B 242 -15.61 5.96 -16.39
CA ILE B 242 -16.05 6.99 -15.46
C ILE B 242 -14.95 7.31 -14.44
N THR B 243 -14.23 6.28 -13.99
CA THR B 243 -13.16 6.50 -13.03
C THR B 243 -12.07 7.40 -13.64
N ASN B 244 -11.73 7.18 -14.91
CA ASN B 244 -10.70 8.00 -15.54
C ASN B 244 -11.17 9.44 -15.65
N ILE B 245 -12.45 9.61 -15.95
CA ILE B 245 -13.02 10.95 -16.08
C ILE B 245 -12.99 11.68 -14.75
N LEU B 246 -13.37 10.99 -13.67
CA LEU B 246 -13.37 11.61 -12.35
C LEU B 246 -11.96 11.97 -11.86
N SER B 247 -10.99 11.08 -12.06
CA SER B 247 -9.63 11.37 -11.61
C SER B 247 -9.07 12.55 -12.38
N LYS B 248 -9.56 12.74 -13.60
CA LYS B 248 -9.08 13.83 -14.43
C LYS B 248 -9.85 15.15 -14.29
N CYS B 249 -11.16 15.08 -14.06
CA CYS B 249 -11.96 16.31 -14.01
C CYS B 249 -12.61 16.76 -12.72
N CYS B 250 -12.47 16.01 -11.63
CA CYS B 250 -13.10 16.43 -10.38
C CYS B 250 -12.37 17.62 -9.77
N GLU B 251 -11.11 17.78 -10.12
CA GLU B 251 -10.34 18.89 -9.61
C GLU B 251 -9.70 19.72 -10.71
N SER B 252 -10.19 20.95 -10.86
CA SER B 252 -9.66 21.87 -11.86
C SER B 252 -9.92 23.28 -11.36
N ALA B 253 -8.88 24.10 -11.37
CA ALA B 253 -8.99 25.47 -10.91
C ALA B 253 -9.73 26.43 -11.83
N SER B 254 -9.52 26.31 -13.14
CA SER B 254 -10.16 27.23 -14.08
C SER B 254 -10.75 26.66 -15.37
N GLU B 255 -10.24 25.52 -15.81
CA GLU B 255 -10.73 24.92 -17.05
C GLU B 255 -11.36 23.58 -16.73
N ASP B 256 -12.69 23.52 -16.82
CA ASP B 256 -13.42 22.30 -16.51
C ASP B 256 -13.50 21.31 -17.68
N CYS B 257 -13.25 20.04 -17.40
CA CYS B 257 -13.34 19.04 -18.44
C CYS B 257 -14.47 18.07 -18.26
N MET B 258 -15.23 18.22 -17.18
CA MET B 258 -16.35 17.33 -16.94
C MET B 258 -17.31 17.45 -18.14
N ALA B 259 -17.57 18.67 -18.56
CA ALA B 259 -18.48 18.94 -19.68
C ALA B 259 -17.96 18.35 -20.99
N LYS B 260 -16.64 18.25 -21.10
CA LYS B 260 -16.04 17.72 -22.32
C LYS B 260 -16.04 16.20 -22.34
N GLU B 261 -16.01 15.59 -21.16
CA GLU B 261 -15.92 14.14 -21.05
C GLU B 261 -17.19 13.33 -20.86
N LEU B 262 -18.10 13.81 -20.03
CA LEU B 262 -19.32 13.06 -19.74
C LEU B 262 -20.23 12.65 -20.89
N PRO B 263 -20.43 13.53 -21.89
CA PRO B 263 -21.30 13.16 -23.01
C PRO B 263 -20.89 11.90 -23.76
N GLU B 264 -19.60 11.73 -24.01
CA GLU B 264 -19.15 10.55 -24.74
C GLU B 264 -19.28 9.34 -23.82
N HIS B 265 -19.21 9.56 -22.51
CA HIS B 265 -19.37 8.45 -21.58
C HIS B 265 -20.78 7.89 -21.73
N THR B 266 -21.76 8.75 -22.01
CA THR B 266 -23.13 8.27 -22.18
C THR B 266 -23.25 7.46 -23.47
N VAL B 267 -22.44 7.80 -24.48
CA VAL B 267 -22.46 7.04 -25.73
C VAL B 267 -21.96 5.62 -25.46
N LYS B 268 -20.86 5.50 -24.71
CA LYS B 268 -20.32 4.19 -24.35
C LYS B 268 -21.36 3.43 -23.54
N LEU B 269 -21.98 4.12 -22.58
CA LEU B 269 -22.99 3.50 -21.72
C LEU B 269 -24.10 2.90 -22.59
N CYS B 270 -24.64 3.70 -23.50
CA CYS B 270 -25.72 3.21 -24.35
C CYS B 270 -25.31 2.12 -25.33
N ASP B 271 -24.10 2.21 -25.90
CA ASP B 271 -23.62 1.19 -26.82
C ASP B 271 -23.60 -0.17 -26.13
N ASN B 272 -23.13 -0.19 -24.89
CA ASN B 272 -23.00 -1.44 -24.16
C ASN B 272 -24.23 -2.00 -23.45
N LEU B 273 -25.14 -1.14 -23.01
CA LEU B 273 -26.28 -1.63 -22.23
C LEU B 273 -27.70 -1.32 -22.67
N SER B 274 -27.88 -0.43 -23.65
CA SER B 274 -29.23 -0.07 -24.09
C SER B 274 -30.05 -1.29 -24.51
N THR B 275 -29.38 -2.34 -24.96
CA THR B 275 -30.08 -3.54 -25.39
C THR B 275 -30.04 -4.63 -24.34
N LYS B 276 -29.60 -4.29 -23.13
CA LYS B 276 -29.53 -5.27 -22.05
C LYS B 276 -30.83 -5.33 -21.26
N ASN B 277 -31.42 -4.17 -20.97
CA ASN B 277 -32.70 -4.15 -20.27
C ASN B 277 -33.51 -2.90 -20.62
N SER B 278 -34.82 -3.04 -20.52
CA SER B 278 -35.76 -1.97 -20.83
C SER B 278 -35.43 -0.62 -20.19
N LYS B 279 -35.10 -0.63 -18.91
CA LYS B 279 -34.79 0.60 -18.19
C LYS B 279 -33.63 1.37 -18.82
N PHE B 280 -32.55 0.69 -19.19
CA PHE B 280 -31.43 1.40 -19.79
C PHE B 280 -31.84 1.93 -21.15
N GLU B 281 -32.62 1.14 -21.87
CA GLU B 281 -33.10 1.52 -23.18
C GLU B 281 -33.81 2.87 -23.09
N ASP B 282 -34.70 3.02 -22.11
CA ASP B 282 -35.44 4.27 -21.92
C ASP B 282 -34.52 5.43 -21.58
N CYS B 283 -33.54 5.18 -20.72
CA CYS B 283 -32.61 6.23 -20.35
C CYS B 283 -31.89 6.74 -21.60
N CYS B 284 -31.48 5.81 -22.45
CA CYS B 284 -30.75 6.15 -23.66
C CYS B 284 -31.54 6.88 -24.75
N GLN B 285 -32.78 7.25 -24.43
CA GLN B 285 -33.60 7.99 -25.38
C GLN B 285 -33.86 9.41 -24.87
N GLU B 286 -33.27 9.75 -23.72
CA GLU B 286 -33.42 11.09 -23.15
C GLU B 286 -32.83 12.07 -24.16
N LYS B 287 -33.31 13.31 -24.12
CA LYS B 287 -32.88 14.35 -25.05
C LYS B 287 -31.42 14.79 -24.96
N THR B 288 -30.85 14.82 -23.75
CA THR B 288 -29.47 15.24 -23.63
C THR B 288 -28.59 14.22 -22.92
N ALA B 289 -27.28 14.34 -23.11
CA ALA B 289 -26.32 13.44 -22.50
C ALA B 289 -26.45 13.52 -20.99
N MET B 290 -26.67 14.74 -20.50
CA MET B 290 -26.82 14.94 -19.06
C MET B 290 -28.04 14.18 -18.57
N ASP B 291 -29.13 14.22 -19.31
CA ASP B 291 -30.33 13.50 -18.90
C ASP B 291 -30.14 12.00 -18.92
N VAL B 292 -29.37 11.50 -19.89
CA VAL B 292 -29.12 10.06 -19.96
C VAL B 292 -28.32 9.66 -18.74
N PHE B 293 -27.30 10.45 -18.43
CA PHE B 293 -26.44 10.15 -17.29
C PHE B 293 -27.24 10.15 -15.99
N VAL B 294 -28.02 11.20 -15.77
CA VAL B 294 -28.84 11.33 -14.58
C VAL B 294 -29.78 10.15 -14.43
N CYS B 295 -30.45 9.79 -15.51
CA CYS B 295 -31.38 8.67 -15.50
C CYS B 295 -30.67 7.38 -15.11
N THR B 296 -29.50 7.11 -15.69
CA THR B 296 -28.80 5.87 -15.35
C THR B 296 -28.27 5.94 -13.91
N TYR B 297 -27.85 7.12 -13.49
CA TYR B 297 -27.34 7.31 -12.14
C TYR B 297 -28.40 6.99 -11.08
N PHE B 298 -29.64 7.40 -11.33
CA PHE B 298 -30.73 7.19 -10.39
C PHE B 298 -31.41 5.83 -10.52
N MET B 299 -31.00 5.04 -11.50
CA MET B 299 -31.58 3.71 -11.67
C MET B 299 -31.23 2.87 -10.44
N PRO B 300 -32.22 2.20 -9.85
CA PRO B 300 -32.05 1.35 -8.66
C PRO B 300 -31.45 -0.01 -8.97
N ALA B 301 -30.99 -0.70 -7.93
CA ALA B 301 -30.45 -2.03 -8.14
C ALA B 301 -31.65 -2.80 -8.69
N ALA B 302 -31.43 -3.59 -9.74
CA ALA B 302 -32.51 -4.36 -10.33
C ALA B 302 -32.63 -5.70 -9.65
N GLN B 303 -33.76 -6.37 -9.88
CA GLN B 303 -33.99 -7.69 -9.31
C GLN B 303 -32.88 -8.59 -9.83
N LEU B 304 -32.14 -9.21 -8.92
CA LEU B 304 -31.04 -10.08 -9.31
C LEU B 304 -31.47 -11.52 -9.57
N PRO B 305 -30.92 -12.14 -10.61
CA PRO B 305 -31.26 -13.52 -10.94
C PRO B 305 -30.66 -14.49 -9.92
N GLU B 306 -31.22 -15.71 -9.88
CA GLU B 306 -30.72 -16.73 -8.98
C GLU B 306 -29.55 -17.40 -9.67
N LEU B 307 -28.36 -17.25 -9.10
CA LEU B 307 -27.17 -17.84 -9.68
C LEU B 307 -26.36 -18.59 -8.63
N PRO B 308 -25.55 -19.56 -9.08
CA PRO B 308 -24.73 -20.33 -8.12
C PRO B 308 -23.86 -19.36 -7.33
N ASP B 309 -23.24 -19.85 -6.28
CA ASP B 309 -22.38 -18.98 -5.47
C ASP B 309 -21.03 -18.82 -6.17
N VAL B 310 -20.24 -17.87 -5.68
CA VAL B 310 -18.92 -17.62 -6.25
C VAL B 310 -17.92 -17.50 -5.09
N GLU B 311 -16.86 -18.28 -5.17
CA GLU B 311 -15.84 -18.26 -4.12
C GLU B 311 -14.87 -17.12 -4.29
N LEU B 312 -14.16 -16.82 -3.21
CA LEU B 312 -13.16 -15.77 -3.21
C LEU B 312 -12.04 -16.15 -4.18
N PRO B 313 -11.42 -15.16 -4.85
CA PRO B 313 -10.34 -15.46 -5.78
C PRO B 313 -9.05 -15.80 -5.05
N THR B 314 -9.02 -16.98 -4.45
CA THR B 314 -7.85 -17.41 -3.70
C THR B 314 -6.85 -18.09 -4.64
N ASN B 315 -6.35 -17.35 -5.62
CA ASN B 315 -5.37 -17.92 -6.53
C ASN B 315 -4.34 -16.87 -6.94
N LYS B 316 -3.22 -17.34 -7.46
CA LYS B 316 -2.11 -16.47 -7.85
C LYS B 316 -2.43 -15.40 -8.89
N ASP B 317 -3.48 -15.58 -9.70
CA ASP B 317 -3.76 -14.58 -10.72
C ASP B 317 -4.10 -13.19 -10.15
N VAL B 318 -4.50 -13.12 -8.88
CA VAL B 318 -4.84 -11.83 -8.28
C VAL B 318 -3.58 -11.09 -7.83
N CYS B 319 -2.42 -11.71 -8.00
CA CYS B 319 -1.18 -11.13 -7.53
C CYS B 319 -0.46 -10.04 -8.31
N ASP B 320 -0.92 -9.69 -9.50
CA ASP B 320 -0.26 -8.64 -10.25
C ASP B 320 -1.04 -7.34 -10.30
N PRO B 321 -0.53 -6.28 -9.64
CA PRO B 321 -1.25 -5.00 -9.68
C PRO B 321 -1.29 -4.47 -11.10
N GLY B 322 -0.51 -5.10 -11.98
CA GLY B 322 -0.47 -4.70 -13.38
C GLY B 322 -1.82 -4.91 -14.04
N ASN B 323 -2.62 -5.82 -13.48
CA ASN B 323 -3.94 -6.09 -14.01
C ASN B 323 -4.82 -6.62 -12.88
N THR B 324 -6.04 -6.14 -12.82
CA THR B 324 -6.98 -6.51 -11.78
C THR B 324 -8.15 -7.34 -12.31
N LYS B 325 -7.95 -7.95 -13.48
CA LYS B 325 -8.98 -8.75 -14.12
C LYS B 325 -9.69 -9.72 -13.18
N VAL B 326 -8.93 -10.52 -12.43
CA VAL B 326 -9.54 -11.51 -11.56
C VAL B 326 -10.34 -10.92 -10.40
N MET B 327 -9.85 -9.84 -9.82
CA MET B 327 -10.59 -9.23 -8.73
C MET B 327 -11.80 -8.47 -9.26
N ASP B 328 -11.70 -7.94 -10.47
CA ASP B 328 -12.83 -7.23 -11.07
C ASP B 328 -13.91 -8.26 -11.41
N LYS B 329 -13.46 -9.40 -11.94
CA LYS B 329 -14.36 -10.48 -12.29
C LYS B 329 -15.11 -10.95 -11.05
N TYR B 330 -14.38 -11.14 -9.96
CA TYR B 330 -15.01 -11.58 -8.73
C TYR B 330 -15.99 -10.53 -8.18
N THR B 331 -15.58 -9.26 -8.22
CA THR B 331 -16.44 -8.19 -7.72
C THR B 331 -17.74 -8.14 -8.54
N PHE B 332 -17.59 -8.25 -9.84
CA PHE B 332 -18.73 -8.24 -10.75
C PHE B 332 -19.66 -9.40 -10.44
N GLU B 333 -19.10 -10.61 -10.38
CA GLU B 333 -19.91 -11.81 -10.09
C GLU B 333 -20.60 -11.78 -8.73
N LEU B 334 -19.90 -11.29 -7.71
CA LEU B 334 -20.49 -11.22 -6.38
C LEU B 334 -21.66 -10.21 -6.41
N SER B 335 -21.41 -9.05 -7.00
CA SER B 335 -22.41 -7.99 -7.09
C SER B 335 -23.70 -8.35 -7.81
N ARG B 336 -23.59 -9.10 -8.90
CA ARG B 336 -24.79 -9.42 -9.64
C ARG B 336 -25.63 -10.52 -9.02
N ARG B 337 -25.06 -11.28 -8.08
CA ARG B 337 -25.82 -12.35 -7.45
C ARG B 337 -26.05 -12.19 -5.95
N THR B 338 -25.54 -11.11 -5.37
CA THR B 338 -25.70 -10.89 -3.94
C THR B 338 -26.59 -9.70 -3.68
N HIS B 339 -27.79 -9.94 -3.16
CA HIS B 339 -28.70 -8.85 -2.87
C HIS B 339 -28.19 -8.13 -1.61
N LEU B 340 -27.46 -7.04 -1.81
CA LEU B 340 -26.90 -6.25 -0.71
C LEU B 340 -26.49 -4.92 -1.30
N PRO B 341 -26.69 -3.81 -0.56
CA PRO B 341 -26.33 -2.48 -1.05
C PRO B 341 -24.85 -2.30 -1.37
N GLU B 342 -24.56 -1.42 -2.34
CA GLU B 342 -23.18 -1.16 -2.70
C GLU B 342 -22.37 -0.61 -1.51
N VAL B 343 -22.96 0.25 -0.67
CA VAL B 343 -22.19 0.78 0.47
C VAL B 343 -21.70 -0.37 1.34
N PHE B 344 -22.49 -1.43 1.45
CA PHE B 344 -22.08 -2.60 2.23
C PHE B 344 -20.99 -3.38 1.48
N LEU B 345 -21.24 -3.71 0.22
CA LEU B 345 -20.26 -4.47 -0.57
C LEU B 345 -18.90 -3.77 -0.64
N SER B 346 -18.90 -2.47 -0.90
CA SER B 346 -17.64 -1.75 -0.99
C SER B 346 -16.89 -1.78 0.33
N LYS B 347 -17.63 -1.74 1.43
CA LYS B 347 -17.02 -1.75 2.75
C LYS B 347 -16.33 -3.07 3.07
N VAL B 348 -16.96 -4.18 2.71
CA VAL B 348 -16.36 -5.48 3.01
C VAL B 348 -15.33 -5.93 1.97
N LEU B 349 -15.51 -5.55 0.70
CA LEU B 349 -14.57 -5.94 -0.34
C LEU B 349 -13.17 -5.38 -0.15
N GLU B 350 -13.10 -4.15 0.36
CA GLU B 350 -11.81 -3.50 0.59
C GLU B 350 -10.88 -4.33 1.47
N PRO B 351 -11.28 -4.61 2.72
CA PRO B 351 -10.35 -5.41 3.54
C PRO B 351 -10.23 -6.84 3.07
N THR B 352 -11.29 -7.39 2.49
CA THR B 352 -11.24 -8.78 2.02
C THR B 352 -10.20 -8.97 0.91
N LEU B 353 -10.24 -8.10 -0.11
CA LEU B 353 -9.28 -8.23 -1.20
C LEU B 353 -7.86 -7.91 -0.76
N LYS B 354 -7.72 -6.99 0.19
CA LYS B 354 -6.41 -6.63 0.70
C LYS B 354 -5.81 -7.85 1.41
N SER B 355 -6.65 -8.55 2.17
CA SER B 355 -6.21 -9.74 2.89
C SER B 355 -5.70 -10.81 1.92
N LEU B 356 -6.44 -11.04 0.84
CA LEU B 356 -6.02 -12.02 -0.17
C LEU B 356 -4.71 -11.61 -0.82
N GLY B 357 -4.52 -10.30 -1.00
CA GLY B 357 -3.30 -9.80 -1.60
C GLY B 357 -2.05 -10.00 -0.77
N GLU B 358 -2.22 -10.26 0.51
CA GLU B 358 -1.09 -10.48 1.43
C GLU B 358 -0.51 -11.88 1.23
N CYS B 359 -1.11 -12.65 0.32
CA CYS B 359 -0.66 -14.00 0.04
C CYS B 359 0.24 -14.03 -1.17
N CYS B 360 0.46 -12.86 -1.75
CA CYS B 360 1.27 -12.76 -2.95
C CYS B 360 2.78 -12.72 -2.74
N ASP B 361 3.25 -11.81 -1.90
CA ASP B 361 4.69 -11.68 -1.67
C ASP B 361 5.19 -12.53 -0.51
N VAL B 362 4.99 -13.84 -0.58
CA VAL B 362 5.43 -14.75 0.47
C VAL B 362 6.17 -15.92 -0.16
N GLU B 363 6.87 -16.70 0.66
CA GLU B 363 7.63 -17.83 0.11
C GLU B 363 6.71 -18.85 -0.58
N ASP B 364 5.57 -19.15 0.04
CA ASP B 364 4.66 -20.13 -0.54
C ASP B 364 3.23 -19.58 -0.61
N SER B 365 2.85 -19.04 -1.76
CA SER B 365 1.51 -18.48 -1.94
C SER B 365 0.38 -19.48 -1.74
N THR B 366 0.57 -20.70 -2.25
CA THR B 366 -0.47 -21.73 -2.11
C THR B 366 -0.79 -22.03 -0.67
N THR B 367 0.24 -22.12 0.16
CA THR B 367 0.04 -22.40 1.58
C THR B 367 -0.75 -21.25 2.19
N CYS B 368 -0.37 -20.02 1.83
CA CYS B 368 -1.03 -18.83 2.35
C CYS B 368 -2.50 -18.78 1.97
N PHE B 369 -2.81 -19.00 0.69
CA PHE B 369 -4.20 -18.97 0.23
C PHE B 369 -5.06 -20.01 0.96
N ASN B 370 -4.52 -21.22 1.11
CA ASN B 370 -5.27 -22.29 1.78
C ASN B 370 -5.53 -21.96 3.26
N ALA B 371 -4.67 -21.14 3.85
CA ALA B 371 -4.83 -20.75 5.24
C ALA B 371 -5.83 -19.60 5.40
N LYS B 372 -5.80 -18.63 4.48
CA LYS B 372 -6.71 -17.49 4.53
C LYS B 372 -8.11 -17.81 4.02
N GLY B 373 -8.19 -18.59 2.94
CA GLY B 373 -9.46 -18.94 2.33
C GLY B 373 -10.63 -19.21 3.27
N PRO B 374 -10.53 -20.23 4.13
CA PRO B 374 -11.61 -20.56 5.07
C PRO B 374 -12.01 -19.41 5.98
N LEU B 375 -11.03 -18.70 6.51
CA LEU B 375 -11.27 -17.57 7.40
C LEU B 375 -12.00 -16.43 6.71
N LEU B 376 -11.49 -16.00 5.56
CA LEU B 376 -12.11 -14.91 4.84
C LEU B 376 -13.51 -15.26 4.35
N LYS B 377 -13.70 -16.52 3.94
CA LYS B 377 -15.01 -16.95 3.47
C LYS B 377 -16.05 -16.81 4.58
N LYS B 378 -15.65 -17.21 5.79
CA LYS B 378 -16.51 -17.15 6.96
C LYS B 378 -16.84 -15.70 7.31
N GLU B 379 -15.81 -14.86 7.39
CA GLU B 379 -16.00 -13.46 7.72
C GLU B 379 -16.89 -12.76 6.70
N LEU B 380 -16.72 -13.09 5.43
CA LEU B 380 -17.53 -12.47 4.39
C LEU B 380 -19.01 -12.83 4.51
N SER B 381 -19.30 -14.12 4.66
CA SER B 381 -20.69 -14.56 4.76
C SER B 381 -21.38 -13.98 5.99
N SER B 382 -20.65 -13.89 7.10
CA SER B 382 -21.22 -13.33 8.32
C SER B 382 -21.60 -11.87 8.07
N PHE B 383 -20.70 -11.11 7.42
CA PHE B 383 -20.98 -9.71 7.12
C PHE B 383 -22.18 -9.60 6.19
N ILE B 384 -22.16 -10.37 5.11
CA ILE B 384 -23.26 -10.34 4.16
C ILE B 384 -24.57 -10.72 4.84
N ASP B 385 -24.53 -11.76 5.67
CA ASP B 385 -25.75 -12.21 6.39
C ASP B 385 -26.38 -11.09 7.20
N LYS B 386 -25.57 -10.41 8.01
CA LYS B 386 -26.06 -9.32 8.85
C LYS B 386 -26.61 -8.20 7.97
N GLY B 387 -25.87 -7.87 6.92
CA GLY B 387 -26.29 -6.81 6.02
C GLY B 387 -27.64 -7.07 5.40
N GLN B 388 -27.87 -8.30 4.94
CA GLN B 388 -29.14 -8.63 4.32
C GLN B 388 -30.26 -8.58 5.37
N GLU B 389 -29.89 -8.83 6.62
CA GLU B 389 -30.86 -8.79 7.70
C GLU B 389 -31.19 -7.33 8.03
N LEU B 390 -30.18 -6.47 8.01
CA LEU B 390 -30.39 -5.05 8.29
C LEU B 390 -31.26 -4.39 7.23
N CYS B 391 -31.11 -4.82 5.98
CA CYS B 391 -31.86 -4.24 4.88
C CYS B 391 -33.05 -5.08 4.43
N ALA B 392 -33.33 -6.15 5.17
CA ALA B 392 -34.45 -7.02 4.83
C ALA B 392 -35.74 -6.25 4.54
N ASP B 393 -36.38 -6.57 3.42
CA ASP B 393 -37.64 -5.96 2.98
C ASP B 393 -37.61 -4.52 2.47
N TYR B 394 -36.48 -3.84 2.58
CA TYR B 394 -36.42 -2.45 2.15
C TYR B 394 -36.63 -2.18 0.66
N SER B 395 -35.92 -2.92 -0.19
CA SER B 395 -36.05 -2.66 -1.61
C SER B 395 -37.20 -3.36 -2.33
N GLU B 396 -37.85 -4.32 -1.67
CA GLU B 396 -38.95 -5.03 -2.31
C GLU B 396 -40.33 -4.46 -1.99
N ASN B 397 -40.38 -3.31 -1.32
CA ASN B 397 -41.65 -2.70 -0.94
C ASN B 397 -41.55 -1.19 -0.88
N THR B 398 -42.70 -0.55 -0.69
CA THR B 398 -42.75 0.89 -0.55
C THR B 398 -42.37 1.12 0.90
N PHE B 399 -41.94 2.34 1.22
CA PHE B 399 -41.52 2.63 2.59
C PHE B 399 -42.56 2.26 3.65
N THR B 400 -43.78 2.77 3.52
CA THR B 400 -44.81 2.45 4.52
C THR B 400 -45.04 0.95 4.60
N GLU B 401 -45.14 0.30 3.46
CA GLU B 401 -45.35 -1.14 3.43
C GLU B 401 -44.15 -1.86 4.04
N TYR B 402 -42.96 -1.32 3.78
CA TYR B 402 -41.73 -1.90 4.32
C TYR B 402 -41.79 -1.86 5.84
N LYS B 403 -42.12 -0.70 6.40
CA LYS B 403 -42.22 -0.56 7.84
C LYS B 403 -43.18 -1.54 8.49
N LYS B 404 -44.23 -1.94 7.76
CA LYS B 404 -45.20 -2.90 8.29
C LYS B 404 -44.59 -4.29 8.37
N LYS B 405 -43.80 -4.67 7.37
CA LYS B 405 -43.16 -5.98 7.39
C LYS B 405 -42.05 -5.98 8.43
N LEU B 406 -41.38 -4.84 8.60
CA LEU B 406 -40.32 -4.75 9.60
C LEU B 406 -40.93 -4.94 10.98
N ALA B 407 -42.04 -4.26 11.23
CA ALA B 407 -42.69 -4.37 12.52
C ALA B 407 -42.99 -5.84 12.80
N GLU B 408 -43.55 -6.54 11.81
CA GLU B 408 -43.87 -7.95 12.01
C GLU B 408 -42.63 -8.78 12.34
N ARG B 409 -41.53 -8.54 11.63
CA ARG B 409 -40.31 -9.30 11.90
C ARG B 409 -39.79 -9.01 13.30
N LEU B 410 -39.98 -7.76 13.75
CA LEU B 410 -39.52 -7.36 15.07
C LEU B 410 -40.40 -7.97 16.17
N LYS B 411 -41.71 -7.99 15.94
CA LYS B 411 -42.64 -8.56 16.91
C LYS B 411 -42.25 -10.00 17.18
N ALA B 412 -41.88 -10.73 16.14
CA ALA B 412 -41.49 -12.13 16.25
C ALA B 412 -40.26 -12.35 17.12
N LYS B 413 -39.28 -11.46 17.00
CA LYS B 413 -38.06 -11.57 17.79
C LYS B 413 -38.20 -11.04 19.21
N LEU B 414 -39.21 -10.21 19.44
CA LEU B 414 -39.42 -9.63 20.77
C LEU B 414 -40.85 -9.82 21.27
N PRO B 415 -41.18 -11.05 21.68
CA PRO B 415 -42.50 -11.44 22.20
C PRO B 415 -43.04 -10.59 23.36
N ASP B 416 -42.14 -10.05 24.17
CA ASP B 416 -42.53 -9.24 25.34
C ASP B 416 -42.49 -7.73 25.14
N ALA B 417 -42.15 -7.26 23.94
CA ALA B 417 -42.07 -5.84 23.68
C ALA B 417 -43.43 -5.14 23.72
N THR B 418 -43.44 -3.92 24.24
CA THR B 418 -44.67 -3.12 24.30
C THR B 418 -44.81 -2.45 22.93
N PRO B 419 -45.99 -1.88 22.63
CA PRO B 419 -46.16 -1.23 21.33
C PRO B 419 -45.20 -0.06 21.16
N LYS B 420 -44.91 0.62 22.25
CA LYS B 420 -44.02 1.77 22.17
C LYS B 420 -42.55 1.36 22.00
N GLU B 421 -42.15 0.22 22.57
CA GLU B 421 -40.78 -0.24 22.40
C GLU B 421 -40.60 -0.67 20.94
N LEU B 422 -41.64 -1.26 20.37
CA LEU B 422 -41.60 -1.70 18.98
C LEU B 422 -41.60 -0.49 18.04
N ALA B 423 -42.36 0.55 18.41
CA ALA B 423 -42.43 1.76 17.60
C ALA B 423 -41.06 2.43 17.47
N LYS B 424 -40.32 2.48 18.58
CA LYS B 424 -38.99 3.09 18.58
C LYS B 424 -37.99 2.26 17.77
N LEU B 425 -38.14 0.94 17.79
CA LEU B 425 -37.23 0.08 17.04
C LEU B 425 -37.52 0.23 15.55
N VAL B 426 -38.79 0.10 15.19
CA VAL B 426 -39.19 0.26 13.80
C VAL B 426 -38.66 1.60 13.28
N ASN B 427 -38.79 2.64 14.10
CA ASN B 427 -38.31 3.97 13.71
C ASN B 427 -36.79 4.04 13.48
N LYS B 428 -36.02 3.44 14.38
CA LYS B 428 -34.56 3.45 14.25
C LYS B 428 -34.09 2.66 13.04
N ARG B 429 -34.59 1.43 12.90
CA ARG B 429 -34.20 0.55 11.81
C ARG B 429 -34.66 1.04 10.43
N SER B 430 -35.85 1.64 10.35
CA SER B 430 -36.33 2.13 9.07
C SER B 430 -35.59 3.41 8.70
N ASP B 431 -35.12 4.13 9.70
CA ASP B 431 -34.36 5.36 9.43
C ASP B 431 -33.03 4.95 8.81
N PHE B 432 -32.37 3.95 9.39
CA PHE B 432 -31.11 3.44 8.89
C PHE B 432 -31.28 2.89 7.48
N ALA B 433 -32.34 2.12 7.27
CA ALA B 433 -32.59 1.51 5.97
C ALA B 433 -32.83 2.55 4.86
N SER B 434 -33.51 3.65 5.21
CA SER B 434 -33.80 4.69 4.24
C SER B 434 -32.54 5.45 3.86
N ASN B 435 -31.50 5.31 4.66
CA ASN B 435 -30.25 6.01 4.38
C ASN B 435 -29.13 5.14 3.83
N CYS B 436 -29.12 3.87 4.21
CA CYS B 436 -28.02 3.01 3.81
C CYS B 436 -28.34 1.70 3.08
N CYS B 437 -29.57 1.53 2.62
CA CYS B 437 -29.92 0.30 1.92
C CYS B 437 -30.26 0.51 0.45
N SER B 438 -29.85 1.65 -0.10
CA SER B 438 -30.11 1.98 -1.51
C SER B 438 -28.80 2.05 -2.29
N ILE B 439 -28.89 1.95 -3.61
CA ILE B 439 -27.70 1.97 -4.45
C ILE B 439 -26.89 3.24 -4.33
N ASN B 440 -27.54 4.38 -4.08
CA ASN B 440 -26.78 5.62 -3.96
C ASN B 440 -26.71 6.21 -2.55
N SER B 441 -26.73 5.33 -1.55
CA SER B 441 -26.64 5.76 -0.16
C SER B 441 -25.31 6.50 0.01
N PRO B 442 -25.26 7.52 0.88
CA PRO B 442 -24.04 8.30 1.13
C PRO B 442 -22.97 7.49 1.87
N PRO B 443 -21.78 7.35 1.26
CA PRO B 443 -20.63 6.60 1.79
C PRO B 443 -20.16 6.99 3.18
N LEU B 444 -19.82 8.26 3.36
CA LEU B 444 -19.32 8.73 4.65
C LEU B 444 -20.33 8.56 5.78
N TYR B 445 -21.59 8.92 5.53
CA TYR B 445 -22.63 8.78 6.53
C TYR B 445 -22.84 7.30 6.89
N CYS B 446 -22.96 6.46 5.87
CA CYS B 446 -23.22 5.05 6.11
C CYS B 446 -22.08 4.22 6.69
N ASP B 447 -20.84 4.62 6.43
CA ASP B 447 -19.71 3.87 6.93
C ASP B 447 -19.81 3.65 8.43
N SER B 448 -20.06 4.72 9.17
CA SER B 448 -20.17 4.64 10.62
C SER B 448 -21.48 4.02 11.09
N GLU B 449 -22.56 4.29 10.37
CA GLU B 449 -23.86 3.73 10.76
C GLU B 449 -23.85 2.22 10.59
N ILE B 450 -23.26 1.75 9.50
CA ILE B 450 -23.18 0.34 9.25
C ILE B 450 -22.39 -0.34 10.37
N ASP B 451 -21.28 0.27 10.77
CA ASP B 451 -20.46 -0.32 11.83
C ASP B 451 -21.31 -0.61 13.07
N ALA B 452 -22.05 0.40 13.52
CA ALA B 452 -22.90 0.23 14.69
C ALA B 452 -23.98 -0.83 14.48
N GLU B 453 -24.68 -0.77 13.35
CA GLU B 453 -25.75 -1.73 13.08
C GLU B 453 -25.30 -3.18 12.95
N LEU B 454 -24.08 -3.40 12.47
CA LEU B 454 -23.59 -4.77 12.32
C LEU B 454 -23.56 -5.51 13.66
N LYS B 455 -23.27 -4.78 14.74
CA LYS B 455 -23.23 -5.40 16.05
C LYS B 455 -24.58 -5.35 16.77
N ASN B 456 -25.59 -4.83 16.09
CA ASN B 456 -26.92 -4.74 16.68
C ASN B 456 -27.54 -6.13 16.74
N ILE B 457 -28.12 -6.47 17.89
CA ILE B 457 -28.75 -7.77 18.10
C ILE B 457 -29.91 -8.04 17.16
N LEU B 458 -30.78 -7.05 16.96
CA LEU B 458 -31.94 -7.20 16.09
C LEU B 458 -31.59 -6.92 14.63
#